data_6Y1E
#
_entry.id   6Y1E
#
_cell.length_a   68.638
_cell.length_b   72.179
_cell.length_c   88.624
_cell.angle_alpha   90.000
_cell.angle_beta   90.140
_cell.angle_gamma   90.000
#
_symmetry.space_group_name_H-M   'P 1 21 1'
#
loop_
_entity.id
_entity.type
_entity.pdbx_description
1 polymer 'Glutathione S-transferase P'
2 non-polymer GLUTATHIONE
3 non-polymer '2-(N-MORPHOLINO)-ETHANESULFONIC ACID'
4 non-polymer '2-[[6,7-bis(chloranyl)-2-cyclopentyl-2-methyl-1-oxidanylidene-3~{H}-inden-5-yl]oxy]ethanoic acid'
5 non-polymer 'TRIETHYLENE GLYCOL'
6 water water
#
_entity_poly.entity_id   1
_entity_poly.type   'polypeptide(L)'
_entity_poly.pdbx_seq_one_letter_code
;MPPYTVVYFPVRGRCAALRMLLADQGQSWKEEVVTVETWQEGSLKASCLYGQLPKFQDGDLTLYQSNTILRHLGRTLGLY
GKDQQEAALVDMVNDGVEDLRCKYISLIYTNYEAGKDDYVKALPGQLKPFETLLSQNQGGKTFIVGDQISFADYNLLDLL
LIHEVLAPGCLDAFPLLSAYVGRLSARPKLKAFLASPEYVNLPINGNGKQ
;
_entity_poly.pdbx_strand_id   A,B,C,D
#
# COMPACT_ATOMS: atom_id res chain seq x y z
N PRO A 2 24.15 -0.07 10.00
CA PRO A 2 25.59 0.25 10.16
C PRO A 2 26.25 0.55 11.52
N PRO A 3 25.71 1.32 12.48
CA PRO A 3 24.46 2.03 12.38
C PRO A 3 24.48 3.20 11.39
N TYR A 4 23.29 3.45 10.81
CA TYR A 4 23.06 4.69 10.10
C TYR A 4 22.98 5.83 11.11
N THR A 5 23.06 7.06 10.62
CA THR A 5 22.87 8.23 11.45
C THR A 5 21.76 9.10 10.88
N VAL A 6 20.79 9.45 11.73
CA VAL A 6 19.72 10.39 11.40
C VAL A 6 19.99 11.69 12.16
N VAL A 7 20.18 12.78 11.42
CA VAL A 7 20.40 14.11 11.98
C VAL A 7 19.14 14.94 11.76
N TYR A 8 18.46 15.29 12.85
CA TYR A 8 17.16 15.93 12.70
C TYR A 8 16.81 16.65 14.00
N PHE A 9 15.83 17.53 13.89
CA PHE A 9 15.26 18.19 15.04
C PHE A 9 14.50 17.17 15.89
N PRO A 10 14.26 17.48 17.16
CA PRO A 10 13.47 16.55 18.01
C PRO A 10 11.98 16.63 17.68
N VAL A 11 11.65 16.12 16.49
CA VAL A 11 10.30 16.16 15.94
C VAL A 11 10.14 14.88 15.09
N ARG A 12 8.89 14.44 14.92
CA ARG A 12 8.64 13.32 14.02
C ARG A 12 8.84 13.79 12.58
N GLY A 13 7.96 14.67 12.13
CA GLY A 13 8.20 15.44 10.91
C GLY A 13 8.49 14.56 9.72
N ARG A 14 9.50 14.95 8.96
CA ARG A 14 9.87 14.24 7.76
C ARG A 14 10.80 13.06 8.03
N CYS A 15 11.04 12.72 9.30
CA CYS A 15 11.80 11.51 9.59
C CYS A 15 10.94 10.37 10.11
N ALA A 16 9.66 10.62 10.36
CA ALA A 16 8.81 9.58 10.93
C ALA A 16 8.76 8.35 10.03
N ALA A 17 8.56 8.55 8.73
CA ALA A 17 8.43 7.40 7.84
C ALA A 17 9.73 6.61 7.75
N LEU A 18 10.87 7.29 7.60
CA LEU A 18 12.12 6.53 7.45
C LEU A 18 12.48 5.82 8.75
N ARG A 19 12.13 6.40 9.90
CA ARG A 19 12.36 5.72 11.18
C ARG A 19 11.49 4.48 11.32
N MET A 20 10.21 4.60 10.94
N MET A 20 10.21 4.59 10.95
CA MET A 20 9.32 3.44 10.93
CA MET A 20 9.32 3.44 10.94
C MET A 20 9.86 2.35 10.03
C MET A 20 9.87 2.35 10.03
N LEU A 21 10.39 2.74 8.87
CA LEU A 21 11.01 1.77 7.97
C LEU A 21 12.18 1.08 8.66
N LEU A 22 13.09 1.87 9.23
CA LEU A 22 14.27 1.30 9.88
C LEU A 22 13.88 0.37 11.01
N ALA A 23 12.94 0.78 11.85
CA ALA A 23 12.51 -0.05 12.96
C ALA A 23 11.86 -1.34 12.49
N ASP A 24 11.02 -1.27 11.45
CA ASP A 24 10.31 -2.46 11.00
C ASP A 24 11.21 -3.40 10.22
N GLN A 25 12.31 -2.88 9.66
CA GLN A 25 13.26 -3.69 8.90
C GLN A 25 14.50 -4.05 9.71
N GLY A 26 14.40 -4.07 11.04
CA GLY A 26 15.45 -4.61 11.88
C GLY A 26 16.78 -3.89 11.79
N GLN A 27 16.77 -2.61 11.46
CA GLN A 27 18.00 -1.85 11.31
C GLN A 27 18.33 -1.12 12.61
N SER A 28 19.62 -0.82 12.79
CA SER A 28 20.06 0.00 13.90
C SER A 28 20.50 1.35 13.37
N TRP A 29 20.19 2.40 14.12
CA TRP A 29 20.61 3.76 13.68
C TRP A 29 20.86 4.64 14.89
N LYS A 30 21.61 5.71 14.90
CA LYS A 30 21.95 6.86 15.74
C LYS A 30 21.08 8.03 15.31
N GLU A 31 20.48 8.44 16.46
CA GLU A 31 19.77 9.71 16.35
C GLU A 31 20.70 10.81 16.87
N GLU A 32 21.08 11.74 16.00
CA GLU A 32 21.75 12.96 16.41
C GLU A 32 20.71 14.07 16.42
N VAL A 33 20.28 14.47 17.61
CA VAL A 33 19.22 15.45 17.75
C VAL A 33 19.84 16.85 17.71
N VAL A 34 19.27 17.70 16.87
CA VAL A 34 19.72 19.08 16.73
C VAL A 34 18.73 19.96 17.47
N THR A 35 19.20 20.65 18.50
CA THR A 35 18.37 21.61 19.21
C THR A 35 18.21 22.88 18.39
N VAL A 36 17.23 23.70 18.78
CA VAL A 36 17.09 25.03 18.20
C VAL A 36 18.36 25.84 18.40
N GLU A 37 18.94 25.76 19.60
CA GLU A 37 20.18 26.49 19.87
C GLU A 37 21.27 26.09 18.89
N THR A 38 21.44 24.79 18.65
CA THR A 38 22.52 24.36 17.77
C THR A 38 22.23 24.73 16.32
N TRP A 39 20.99 24.55 15.86
CA TRP A 39 20.64 24.92 14.50
C TRP A 39 20.87 26.40 14.26
N GLN A 40 20.52 27.23 15.24
CA GLN A 40 20.54 28.66 15.01
C GLN A 40 21.91 29.30 15.13
N GLU A 41 22.82 28.63 15.55
CA GLU A 41 24.25 28.93 15.56
C GLU A 41 24.84 28.96 14.15
N GLY A 42 24.32 28.10 13.38
CA GLY A 42 24.44 28.21 11.94
C GLY A 42 25.49 27.36 11.27
N SER A 43 26.42 26.74 12.00
CA SER A 43 27.49 25.97 11.37
C SER A 43 26.96 24.74 10.66
N LEU A 44 26.10 23.98 11.35
CA LEU A 44 25.55 22.78 10.74
C LEU A 44 24.74 23.14 9.50
N LYS A 45 23.86 24.14 9.63
CA LYS A 45 22.99 24.52 8.52
C LYS A 45 23.80 24.90 7.29
N ALA A 46 24.81 25.75 7.48
CA ALA A 46 25.64 26.16 6.36
C ALA A 46 26.33 24.96 5.70
N SER A 47 26.50 23.87 6.43
CA SER A 47 27.11 22.67 5.91
C SER A 47 26.13 21.73 5.22
N CYS A 48 24.82 21.92 5.39
CA CYS A 48 23.82 21.10 4.72
C CYS A 48 23.66 21.54 3.27
N LEU A 49 23.55 20.59 2.35
CA LEU A 49 23.51 20.90 0.93
C LEU A 49 22.40 21.90 0.61
N TYR A 50 21.19 21.66 1.11
CA TYR A 50 20.09 22.59 0.91
C TYR A 50 19.76 23.40 2.15
N GLY A 51 20.69 23.49 3.10
CA GLY A 51 20.46 24.28 4.30
C GLY A 51 19.39 23.73 5.20
N GLN A 52 19.07 22.44 5.09
CA GLN A 52 17.95 21.87 5.82
C GLN A 52 18.26 20.46 6.32
N LEU A 53 17.45 20.01 7.28
CA LEU A 53 17.46 18.63 7.75
C LEU A 53 16.17 17.92 7.32
N PRO A 54 16.15 16.57 7.29
CA PRO A 54 17.15 15.62 7.78
C PRO A 54 18.42 15.55 6.95
N LYS A 55 19.51 15.25 7.65
CA LYS A 55 20.73 14.74 7.04
C LYS A 55 20.84 13.29 7.47
N PHE A 56 21.34 12.44 6.57
CA PHE A 56 21.42 11.00 6.77
C PHE A 56 22.81 10.53 6.42
N GLN A 57 23.39 9.69 7.25
CA GLN A 57 24.69 9.10 6.97
C GLN A 57 24.54 7.59 6.86
N ASP A 58 25.10 7.03 5.80
CA ASP A 58 25.14 5.58 5.57
C ASP A 58 26.61 5.30 5.26
N GLY A 59 27.41 5.06 6.30
CA GLY A 59 28.85 5.07 6.04
C GLY A 59 29.29 6.45 5.62
N ASP A 60 30.16 6.48 4.62
CA ASP A 60 30.75 7.69 4.00
C ASP A 60 29.71 8.45 3.19
N LEU A 61 28.60 7.80 2.88
CA LEU A 61 27.58 8.42 2.04
C LEU A 61 26.71 9.35 2.89
N THR A 62 26.72 10.64 2.56
CA THR A 62 25.87 11.62 3.23
C THR A 62 24.73 11.98 2.28
N LEU A 63 23.51 11.88 2.80
CA LEU A 63 22.34 12.22 1.98
C LEU A 63 21.52 13.28 2.71
N TYR A 64 20.88 14.10 1.91
CA TYR A 64 19.82 15.06 2.31
C TYR A 64 18.59 14.70 1.45
N GLN A 65 17.44 15.24 1.83
CA GLN A 65 16.10 15.02 1.21
C GLN A 65 15.46 13.75 1.78
N SER A 66 14.39 13.94 2.53
CA SER A 66 13.66 12.83 3.16
C SER A 66 13.30 11.77 2.13
N ASN A 67 12.87 12.17 0.95
CA ASN A 67 12.46 11.16 -0.02
C ASN A 67 13.65 10.48 -0.67
N THR A 68 14.79 11.17 -0.75
CA THR A 68 16.01 10.49 -1.17
C THR A 68 16.42 9.43 -0.14
N ILE A 69 16.27 9.74 1.13
CA ILE A 69 16.63 8.74 2.15
C ILE A 69 15.71 7.53 2.03
N LEU A 70 14.43 7.77 1.83
CA LEU A 70 13.47 6.64 1.72
C LEU A 70 13.80 5.79 0.49
N ARG A 71 14.06 6.42 -0.64
CA ARG A 71 14.39 5.66 -1.86
C ARG A 71 15.72 4.92 -1.66
N HIS A 72 16.67 5.53 -0.98
CA HIS A 72 17.97 4.83 -0.76
C HIS A 72 17.74 3.57 0.08
N LEU A 73 17.02 3.72 1.18
CA LEU A 73 16.69 2.54 1.97
C LEU A 73 15.80 1.59 1.18
N GLY A 74 14.95 2.13 0.31
CA GLY A 74 14.10 1.27 -0.48
C GLY A 74 14.92 0.38 -1.40
N ARG A 75 15.89 0.97 -2.09
CA ARG A 75 16.63 0.15 -3.03
C ARG A 75 17.66 -0.73 -2.32
N THR A 76 18.31 -0.24 -1.26
CA THR A 76 19.33 -1.05 -0.61
C THR A 76 18.75 -2.11 0.31
N LEU A 77 17.51 -1.97 0.76
CA LEU A 77 16.91 -2.92 1.68
C LEU A 77 15.84 -3.77 1.04
N GLY A 78 15.61 -3.63 -0.26
CA GLY A 78 14.63 -4.47 -0.93
C GLY A 78 13.19 -4.06 -0.69
N LEU A 79 12.93 -2.75 -0.61
CA LEU A 79 11.57 -2.21 -0.38
C LEU A 79 11.17 -1.30 -1.55
N TYR A 80 11.49 -1.71 -2.76
CA TYR A 80 11.19 -0.88 -3.93
C TYR A 80 10.46 -1.71 -5.00
N GLY A 81 9.76 -2.75 -4.57
CA GLY A 81 9.08 -3.62 -5.54
C GLY A 81 9.96 -4.72 -6.08
N LYS A 82 9.35 -5.61 -6.85
CA LYS A 82 10.03 -6.78 -7.38
C LYS A 82 10.63 -6.56 -8.76
N ASP A 83 10.21 -5.51 -9.46
CA ASP A 83 10.70 -5.26 -10.81
C ASP A 83 10.53 -3.78 -11.13
N GLN A 84 10.84 -3.42 -12.39
CA GLN A 84 10.79 -2.02 -12.78
C GLN A 84 9.36 -1.46 -12.76
N GLN A 85 8.45 -2.20 -13.07
CA GLN A 85 7.03 -1.83 -13.06
C GLN A 85 6.61 -1.53 -11.63
N GLU A 86 6.80 -2.42 -10.80
CA GLU A 86 6.43 -2.18 -9.41
C GLU A 86 7.15 -0.95 -8.88
N ALA A 87 8.42 -0.78 -9.22
CA ALA A 87 9.18 0.37 -8.73
C ALA A 87 8.55 1.67 -9.20
N ALA A 88 8.04 1.71 -10.43
CA ALA A 88 7.38 2.92 -10.91
C ALA A 88 6.09 3.17 -10.14
N LEU A 89 5.32 2.12 -9.87
CA LEU A 89 4.09 2.31 -9.11
C LEU A 89 4.40 2.77 -7.69
N VAL A 90 5.48 2.25 -7.10
CA VAL A 90 5.93 2.69 -5.79
C VAL A 90 6.24 4.17 -5.80
N ASP A 91 6.94 4.64 -6.84
CA ASP A 91 7.23 6.08 -6.96
C ASP A 91 5.94 6.88 -7.10
N MET A 92 5.00 6.39 -7.87
CA MET A 92 3.75 7.14 -8.10
C MET A 92 3.04 7.34 -6.76
N VAL A 93 2.99 6.36 -5.98
CA VAL A 93 2.39 6.48 -4.64
C VAL A 93 3.23 7.46 -3.83
N ASN A 94 4.50 7.32 -3.75
CA ASN A 94 5.33 8.20 -2.88
C ASN A 94 5.20 9.66 -3.31
N ASP A 95 5.14 9.91 -4.60
CA ASP A 95 5.02 11.30 -5.07
C ASP A 95 3.67 11.88 -4.64
N GLY A 96 2.61 11.07 -4.68
CA GLY A 96 1.32 11.53 -4.21
C GLY A 96 1.31 11.78 -2.71
N VAL A 97 2.00 10.92 -1.95
CA VAL A 97 2.15 11.14 -0.52
C VAL A 97 2.86 12.46 -0.28
N GLU A 98 3.98 12.66 -0.97
CA GLU A 98 4.75 13.89 -0.79
C GLU A 98 3.91 15.11 -1.16
N ASP A 99 3.12 15.03 -2.22
CA ASP A 99 2.28 16.19 -2.55
C ASP A 99 1.32 16.53 -1.40
N LEU A 100 0.79 15.54 -0.79
CA LEU A 100 -0.20 15.86 0.26
C LEU A 100 0.53 16.22 1.55
N ARG A 101 1.69 15.68 1.76
CA ARG A 101 2.54 16.09 2.90
C ARG A 101 2.94 17.56 2.69
N CYS A 102 3.24 17.93 1.55
N CYS A 102 3.22 17.94 1.55
CA CYS A 102 3.57 19.33 1.28
CA CYS A 102 3.56 19.34 1.33
C CYS A 102 2.42 20.25 1.69
C CYS A 102 2.41 20.26 1.72
N LYS A 103 1.18 19.88 1.35
CA LYS A 103 0.04 20.73 1.71
C LYS A 103 -0.19 20.72 3.22
N TYR A 104 -0.01 19.57 3.86
CA TYR A 104 -0.12 19.49 5.31
C TYR A 104 0.87 20.42 5.99
N ILE A 105 2.12 20.39 5.57
CA ILE A 105 3.18 21.20 6.23
C ILE A 105 2.87 22.68 6.04
N SER A 106 2.38 23.03 4.89
CA SER A 106 2.05 24.46 4.66
C SER A 106 0.89 24.84 5.60
N LEU A 107 -0.07 23.96 5.76
CA LEU A 107 -1.18 24.26 6.70
C LEU A 107 -0.60 24.44 8.11
N ILE A 108 0.19 23.50 8.57
CA ILE A 108 0.69 23.51 9.95
C ILE A 108 1.50 24.77 10.24
N TYR A 109 2.41 25.12 9.34
CA TYR A 109 3.39 26.15 9.65
C TYR A 109 2.96 27.55 9.23
N THR A 110 2.04 27.69 8.28
CA THR A 110 1.72 29.00 7.73
C THR A 110 0.26 29.45 7.89
N ASN A 111 -0.68 28.54 8.15
CA ASN A 111 -2.09 28.93 8.08
C ASN A 111 -2.97 28.01 8.92
N TYR A 112 -2.46 27.55 10.06
CA TYR A 112 -3.15 26.49 10.79
C TYR A 112 -4.53 26.93 11.27
N GLU A 113 -4.61 28.09 11.93
CA GLU A 113 -5.83 28.48 12.62
C GLU A 113 -6.95 28.82 11.64
N ALA A 114 -6.63 29.56 10.59
CA ALA A 114 -7.62 29.96 9.61
C ALA A 114 -7.87 28.92 8.52
N GLY A 115 -6.94 28.00 8.31
CA GLY A 115 -7.05 27.10 7.18
C GLY A 115 -7.39 25.67 7.49
N LYS A 116 -7.33 25.27 8.76
CA LYS A 116 -7.55 23.88 9.14
C LYS A 116 -8.95 23.41 8.77
N ASP A 117 -9.95 24.27 8.94
CA ASP A 117 -11.33 23.91 8.61
C ASP A 117 -11.45 23.46 7.16
N ASP A 118 -11.03 24.31 6.22
CA ASP A 118 -11.19 23.99 4.81
C ASP A 118 -10.28 22.85 4.38
N TYR A 119 -9.11 22.72 5.01
CA TYR A 119 -8.22 21.61 4.69
C TYR A 119 -8.90 20.28 4.98
N VAL A 120 -9.53 20.15 6.16
CA VAL A 120 -10.21 18.90 6.47
C VAL A 120 -11.40 18.69 5.56
N LYS A 121 -12.02 19.78 5.08
CA LYS A 121 -13.14 19.64 4.15
C LYS A 121 -12.68 19.12 2.80
N ALA A 122 -11.49 19.53 2.36
CA ALA A 122 -10.91 19.05 1.10
C ALA A 122 -10.22 17.70 1.25
N LEU A 123 -10.01 17.26 2.49
CA LEU A 123 -9.23 16.05 2.74
C LEU A 123 -9.81 14.77 2.11
N PRO A 124 -11.11 14.53 2.12
CA PRO A 124 -11.61 13.30 1.45
C PRO A 124 -11.16 13.20 0.00
N GLY A 125 -11.14 14.30 -0.73
CA GLY A 125 -10.67 14.27 -2.11
C GLY A 125 -9.20 13.93 -2.22
N GLN A 126 -8.41 14.24 -1.18
CA GLN A 126 -6.98 13.99 -1.19
C GLN A 126 -6.64 12.56 -0.79
N LEU A 127 -7.53 11.92 -0.02
CA LEU A 127 -7.29 10.54 0.39
C LEU A 127 -7.82 9.53 -0.62
N LYS A 128 -8.86 9.89 -1.35
CA LYS A 128 -9.49 8.96 -2.30
C LYS A 128 -8.52 8.28 -3.26
N PRO A 129 -7.51 8.95 -3.82
CA PRO A 129 -6.60 8.22 -4.72
C PRO A 129 -5.90 7.04 -4.06
N PHE A 130 -5.57 7.14 -2.76
CA PHE A 130 -4.91 6.02 -2.11
C PHE A 130 -5.88 4.87 -1.87
N GLU A 131 -7.13 5.19 -1.54
CA GLU A 131 -8.16 4.16 -1.49
C GLU A 131 -8.29 3.48 -2.84
N THR A 132 -8.29 4.27 -3.89
CA THR A 132 -8.38 3.72 -5.26
C THR A 132 -7.17 2.80 -5.53
N LEU A 133 -5.98 3.24 -5.21
CA LEU A 133 -4.80 2.37 -5.43
C LEU A 133 -4.99 1.03 -4.70
N LEU A 134 -5.43 1.06 -3.45
CA LEU A 134 -5.59 -0.19 -2.73
C LEU A 134 -6.64 -1.07 -3.41
N SER A 135 -7.74 -0.47 -3.87
CA SER A 135 -8.79 -1.26 -4.51
C SER A 135 -8.28 -2.00 -5.74
N GLN A 136 -7.22 -1.48 -6.37
CA GLN A 136 -6.70 -2.11 -7.57
C GLN A 136 -5.56 -3.07 -7.30
N ASN A 137 -5.22 -3.32 -6.04
CA ASN A 137 -4.16 -4.27 -5.69
C ASN A 137 -4.71 -5.30 -4.73
N GLN A 138 -5.20 -6.42 -5.27
CA GLN A 138 -5.63 -7.55 -4.45
C GLN A 138 -6.71 -7.13 -3.45
N GLY A 139 -7.66 -6.32 -3.91
CA GLY A 139 -8.75 -5.89 -3.08
C GLY A 139 -8.37 -5.08 -1.86
N GLY A 140 -7.21 -4.42 -1.88
CA GLY A 140 -6.77 -3.67 -0.72
C GLY A 140 -6.26 -4.50 0.42
N LYS A 141 -6.06 -5.79 0.22
CA LYS A 141 -5.76 -6.71 1.31
C LYS A 141 -4.27 -6.83 1.63
N THR A 142 -3.41 -6.20 0.84
CA THR A 142 -1.98 -6.42 1.03
C THR A 142 -1.14 -5.19 1.38
N PHE A 143 -0.62 -4.55 0.35
CA PHE A 143 0.23 -3.36 0.49
C PHE A 143 -0.22 -2.39 -0.59
N ILE A 144 0.33 -1.17 -0.55
CA ILE A 144 -0.11 -0.17 -1.52
C ILE A 144 0.27 -0.56 -2.94
N VAL A 145 1.41 -1.25 -3.10
CA VAL A 145 1.90 -1.76 -4.39
C VAL A 145 2.42 -3.18 -4.18
N GLY A 146 1.91 -4.12 -4.97
CA GLY A 146 2.44 -5.46 -4.89
C GLY A 146 2.02 -6.18 -3.61
N ASP A 147 2.72 -7.27 -3.33
CA ASP A 147 2.40 -8.10 -2.14
C ASP A 147 3.55 -8.15 -1.15
N GLN A 148 4.42 -7.14 -1.18
CA GLN A 148 5.46 -6.99 -0.14
C GLN A 148 5.54 -5.51 0.18
N ILE A 149 5.96 -5.21 1.38
CA ILE A 149 6.01 -3.80 1.82
C ILE A 149 7.07 -3.01 1.04
N SER A 150 6.78 -1.75 0.79
CA SER A 150 7.68 -0.84 0.08
C SER A 150 7.91 0.39 0.96
N PHE A 151 8.94 1.17 0.62
CA PHE A 151 9.14 2.43 1.33
C PHE A 151 7.92 3.32 1.24
N ALA A 152 7.14 3.24 0.16
CA ALA A 152 5.96 4.08 0.05
C ALA A 152 4.90 3.69 1.07
N ASP A 153 4.86 2.42 1.47
CA ASP A 153 3.93 2.02 2.54
C ASP A 153 4.22 2.77 3.83
N TYR A 154 5.50 2.89 4.19
CA TYR A 154 5.84 3.58 5.44
C TYR A 154 5.51 5.07 5.36
N ASN A 155 5.74 5.68 4.19
CA ASN A 155 5.44 7.10 4.03
C ASN A 155 3.94 7.34 4.03
N LEU A 156 3.20 6.50 3.33
CA LEU A 156 1.72 6.65 3.30
C LEU A 156 1.14 6.41 4.70
N LEU A 157 1.61 5.37 5.39
CA LEU A 157 1.13 5.12 6.77
C LEU A 157 1.37 6.36 7.62
N ASP A 158 2.56 6.93 7.58
CA ASP A 158 2.80 8.13 8.41
C ASP A 158 1.85 9.25 7.99
N LEU A 159 1.67 9.45 6.69
CA LEU A 159 0.76 10.51 6.23
C LEU A 159 -0.64 10.25 6.76
N LEU A 160 -1.11 9.02 6.69
CA LEU A 160 -2.43 8.71 7.21
C LEU A 160 -2.50 8.94 8.72
N LEU A 161 -1.48 8.50 9.45
CA LEU A 161 -1.49 8.65 10.90
C LEU A 161 -1.58 10.12 11.32
N ILE A 162 -0.77 10.99 10.72
CA ILE A 162 -0.83 12.39 11.14
C ILE A 162 -2.14 13.02 10.74
N HIS A 163 -2.76 12.53 9.66
CA HIS A 163 -4.06 13.06 9.31
C HIS A 163 -5.15 12.60 10.27
N GLU A 164 -4.99 11.39 10.84
CA GLU A 164 -5.92 10.94 11.86
C GLU A 164 -5.81 11.78 13.13
N VAL A 165 -4.63 12.35 13.40
CA VAL A 165 -4.49 13.25 14.54
C VAL A 165 -5.15 14.58 14.23
N LEU A 166 -4.97 15.07 13.01
CA LEU A 166 -5.53 16.34 12.60
C LEU A 166 -7.05 16.25 12.49
N ALA A 167 -7.55 15.12 12.01
CA ALA A 167 -8.98 14.94 11.72
C ALA A 167 -9.36 13.52 12.06
N PRO A 168 -9.58 13.23 13.34
CA PRO A 168 -9.93 11.86 13.73
C PRO A 168 -11.16 11.37 13.00
N GLY A 169 -11.14 10.10 12.58
CA GLY A 169 -12.20 9.56 11.78
C GLY A 169 -12.15 9.89 10.31
N CYS A 170 -11.07 10.54 9.85
CA CYS A 170 -11.00 10.90 8.41
C CYS A 170 -10.92 9.65 7.53
N LEU A 171 -10.56 8.51 8.10
CA LEU A 171 -10.41 7.27 7.30
C LEU A 171 -11.69 6.42 7.39
N ASP A 172 -12.65 6.82 8.21
CA ASP A 172 -13.89 6.01 8.37
C ASP A 172 -14.63 5.85 7.05
N ALA A 173 -14.57 6.86 6.19
CA ALA A 173 -15.23 6.78 4.89
C ALA A 173 -14.44 5.97 3.88
N PHE A 174 -13.27 5.51 4.27
CA PHE A 174 -12.39 4.78 3.33
C PHE A 174 -12.05 3.44 3.95
N PRO A 175 -12.85 2.39 3.71
CA PRO A 175 -12.62 1.14 4.36
C PRO A 175 -11.27 0.44 4.07
N LEU A 176 -10.78 0.57 2.85
CA LEU A 176 -9.50 -0.09 2.54
C LEU A 176 -8.36 0.66 3.24
N LEU A 177 -8.36 1.99 3.24
CA LEU A 177 -7.29 2.75 3.94
C LEU A 177 -7.40 2.46 5.44
N SER A 178 -8.62 2.41 5.95
CA SER A 178 -8.79 2.14 7.39
C SER A 178 -8.17 0.80 7.78
N ALA A 179 -8.51 -0.25 7.05
CA ALA A 179 -8.00 -1.61 7.31
C ALA A 179 -6.48 -1.67 7.09
N TYR A 180 -6.04 -0.97 6.06
CA TYR A 180 -4.61 -0.92 5.75
C TYR A 180 -3.82 -0.31 6.91
N VAL A 181 -4.29 0.82 7.43
CA VAL A 181 -3.63 1.46 8.56
C VAL A 181 -3.60 0.52 9.76
N GLY A 182 -4.74 -0.10 10.07
CA GLY A 182 -4.76 -1.03 11.19
C GLY A 182 -3.81 -2.20 10.97
N ARG A 183 -3.77 -2.70 9.76
CA ARG A 183 -2.90 -3.84 9.45
C ARG A 183 -1.42 -3.48 9.59
N LEU A 184 -0.99 -2.41 8.93
CA LEU A 184 0.43 -2.01 9.03
C LEU A 184 0.80 -1.66 10.47
N SER A 185 -0.08 -0.97 11.17
CA SER A 185 0.20 -0.51 12.56
C SER A 185 0.33 -1.72 13.47
N ALA A 186 -0.22 -2.84 13.06
CA ALA A 186 -0.19 -4.07 13.85
C ALA A 186 1.03 -4.94 13.57
N ARG A 187 1.82 -4.63 12.52
CA ARG A 187 3.05 -5.38 12.31
C ARG A 187 3.90 -5.28 13.59
N PRO A 188 4.24 -6.39 14.24
CA PRO A 188 4.74 -6.31 15.62
C PRO A 188 5.92 -5.38 15.86
N LYS A 189 6.91 -5.36 14.98
CA LYS A 189 8.09 -4.50 15.25
C LYS A 189 7.70 -3.02 15.10
N LEU A 190 6.91 -2.74 14.09
CA LEU A 190 6.42 -1.36 13.87
C LEU A 190 5.55 -0.98 15.06
N LYS A 191 4.68 -1.89 15.51
CA LYS A 191 3.76 -1.63 16.63
C LYS A 191 4.58 -1.26 17.87
N ALA A 192 5.61 -2.03 18.16
CA ALA A 192 6.45 -1.72 19.31
C ALA A 192 7.09 -0.35 19.17
N PHE A 193 7.58 -0.02 17.97
CA PHE A 193 8.20 1.28 17.75
C PHE A 193 7.20 2.42 17.93
N LEU A 194 6.00 2.26 17.38
CA LEU A 194 5.00 3.32 17.43
C LEU A 194 4.48 3.57 18.84
N ALA A 195 4.66 2.60 19.75
CA ALA A 195 4.28 2.81 21.14
C ALA A 195 5.46 3.21 22.02
N SER A 196 6.66 3.32 21.45
CA SER A 196 7.95 3.58 22.08
C SER A 196 8.11 5.06 22.42
N PRO A 197 8.91 5.59 23.22
CA PRO A 197 9.14 7.10 23.92
C PRO A 197 9.73 7.88 22.74
N GLU A 198 10.30 7.15 22.27
CA GLU A 198 11.04 7.44 21.01
C GLU A 198 10.15 8.14 19.97
N TYR A 199 9.13 7.57 19.73
CA TYR A 199 8.13 8.08 18.78
C TYR A 199 7.08 8.89 19.53
N VAL A 200 6.51 8.30 20.58
CA VAL A 200 5.38 8.91 21.28
C VAL A 200 5.75 10.25 21.90
N ASN A 201 6.99 10.39 22.39
CA ASN A 201 7.34 11.59 23.12
C ASN A 201 7.89 12.69 22.22
N LEU A 202 7.85 12.49 20.90
CA LEU A 202 8.19 13.62 20.05
C LEU A 202 6.91 14.26 19.51
N PRO A 203 6.88 15.59 19.35
CA PRO A 203 5.73 16.21 18.68
C PRO A 203 5.76 15.86 17.21
N ILE A 204 4.58 15.92 16.58
CA ILE A 204 4.52 15.64 15.15
C ILE A 204 5.28 16.71 14.37
N ASN A 205 5.04 17.98 14.70
CA ASN A 205 5.66 19.11 14.04
C ASN A 205 6.42 19.96 15.06
N GLY A 206 7.24 20.86 14.54
CA GLY A 206 8.13 21.64 15.39
C GLY A 206 7.51 22.86 16.05
N ASN A 207 6.30 23.19 15.66
CA ASN A 207 5.65 24.43 16.15
C ASN A 207 4.52 24.13 17.14
N GLY A 208 4.34 22.88 17.56
CA GLY A 208 3.31 22.55 18.56
C GLY A 208 1.90 22.39 18.01
N LYS A 209 1.72 22.56 16.71
CA LYS A 209 0.40 22.34 16.15
C LYS A 209 0.34 20.99 15.45
N GLN A 210 -0.84 20.37 15.50
CA GLN A 210 -1.04 19.06 14.90
C GLN A 210 -2.54 18.84 14.66
N PRO B 3 4.22 3.39 -28.24
CA PRO B 3 5.48 3.55 -27.49
C PRO B 3 5.30 4.37 -26.21
N TYR B 4 5.58 5.67 -26.30
CA TYR B 4 5.37 6.56 -25.17
C TYR B 4 4.27 7.57 -25.53
N THR B 5 3.41 7.88 -24.57
CA THR B 5 2.36 8.88 -24.75
C THR B 5 2.38 9.84 -23.57
N VAL B 6 2.40 11.13 -23.88
CA VAL B 6 2.35 12.24 -22.89
C VAL B 6 1.00 12.94 -22.98
N VAL B 7 0.34 12.93 -21.93
CA VAL B 7 -1.03 13.54 -21.90
C VAL B 7 -0.98 14.80 -21.03
N TYR B 8 -1.14 15.94 -21.47
CA TYR B 8 -0.92 17.18 -20.70
C TYR B 8 -1.61 18.33 -21.42
N PHE B 9 -1.69 19.45 -20.71
CA PHE B 9 -2.10 20.73 -21.23
C PHE B 9 -1.06 21.29 -22.20
N PRO B 10 -1.46 22.27 -23.03
CA PRO B 10 -0.50 22.90 -23.96
C PRO B 10 0.37 23.94 -23.28
N VAL B 11 1.24 23.45 -22.39
CA VAL B 11 2.23 24.27 -21.69
C VAL B 11 3.50 23.42 -21.54
N ARG B 12 4.62 24.09 -21.28
CA ARG B 12 5.85 23.36 -20.97
C ARG B 12 5.75 22.72 -19.59
N GLY B 13 5.62 23.56 -18.58
CA GLY B 13 5.32 23.16 -17.19
C GLY B 13 6.12 21.96 -16.71
N ARG B 14 5.39 20.99 -16.16
CA ARG B 14 6.00 19.76 -15.56
C ARG B 14 6.32 18.67 -16.58
N CYS B 15 6.12 18.94 -17.86
CA CYS B 15 6.48 17.95 -18.89
C CYS B 15 7.70 18.41 -19.69
N ALA B 16 8.21 19.61 -19.46
CA ALA B 16 9.35 20.07 -20.28
C ALA B 16 10.56 19.18 -20.06
N ALA B 17 10.86 18.84 -18.81
CA ALA B 17 12.05 18.05 -18.54
C ALA B 17 11.93 16.66 -19.14
N LEU B 18 10.78 15.99 -18.98
CA LEU B 18 10.71 14.63 -19.51
C LEU B 18 10.66 14.64 -21.04
N ARG B 19 10.14 15.70 -21.65
CA ARG B 19 10.22 15.83 -23.09
C ARG B 19 11.66 16.01 -23.54
N MET B 20 12.41 16.87 -22.86
N MET B 20 12.42 16.87 -22.85
CA MET B 20 13.83 17.04 -23.18
CA MET B 20 13.83 17.04 -23.19
C MET B 20 14.56 15.71 -23.07
C MET B 20 14.58 15.72 -23.05
N LEU B 21 14.23 14.93 -22.04
CA LEU B 21 14.84 13.63 -21.86
C LEU B 21 14.55 12.73 -23.07
N LEU B 22 13.27 12.61 -23.42
CA LEU B 22 12.89 11.74 -24.52
C LEU B 22 13.54 12.17 -25.82
N ALA B 23 13.50 13.46 -26.12
CA ALA B 23 14.15 13.97 -27.35
C ALA B 23 15.66 13.71 -27.34
N ASP B 24 16.33 13.98 -26.24
CA ASP B 24 17.80 13.83 -26.19
C ASP B 24 18.24 12.37 -26.23
N GLN B 25 17.38 11.47 -25.80
CA GLN B 25 17.68 10.03 -25.76
C GLN B 25 17.16 9.36 -27.05
N GLY B 26 16.74 10.15 -28.02
CA GLY B 26 16.38 9.57 -29.29
C GLY B 26 15.09 8.80 -29.26
N GLN B 27 14.21 9.12 -28.32
CA GLN B 27 12.96 8.35 -28.21
C GLN B 27 11.84 9.03 -28.96
N SER B 28 10.87 8.24 -29.34
CA SER B 28 9.71 8.80 -30.04
C SER B 28 8.56 8.81 -29.07
N TRP B 29 7.70 9.79 -29.17
CA TRP B 29 6.54 9.83 -28.28
C TRP B 29 5.39 10.55 -28.94
N LYS B 30 4.21 10.29 -28.42
CA LYS B 30 2.96 10.92 -28.87
C LYS B 30 2.47 11.91 -27.83
N GLU B 31 2.22 13.14 -28.29
CA GLU B 31 1.63 14.15 -27.42
C GLU B 31 0.12 14.12 -27.61
N GLU B 32 -0.61 13.92 -26.53
CA GLU B 32 -2.05 14.10 -26.50
C GLU B 32 -2.32 15.36 -25.69
N VAL B 33 -2.72 16.43 -26.37
CA VAL B 33 -2.91 17.73 -25.76
C VAL B 33 -4.33 17.83 -25.22
N VAL B 34 -4.44 18.20 -23.95
CA VAL B 34 -5.71 18.39 -23.28
C VAL B 34 -5.98 19.89 -23.20
N THR B 35 -7.03 20.33 -23.88
CA THR B 35 -7.45 21.73 -23.81
C THR B 35 -8.16 21.95 -22.46
N VAL B 36 -8.32 22.94 -22.08
CA VAL B 36 -8.87 23.34 -20.76
C VAL B 36 -10.40 23.21 -20.74
N GLU B 37 -10.85 23.50 -22.07
CA GLU B 37 -12.30 23.18 -22.22
C GLU B 37 -12.46 21.66 -22.16
N THR B 38 -11.71 20.77 -22.52
CA THR B 38 -11.81 19.31 -22.36
C THR B 38 -11.63 18.96 -20.88
N TRP B 39 -10.74 19.66 -20.19
CA TRP B 39 -10.48 19.39 -18.77
C TRP B 39 -11.69 19.73 -17.91
N GLN B 40 -12.27 20.91 -18.13
CA GLN B 40 -13.43 21.33 -17.35
C GLN B 40 -14.66 20.47 -17.60
N GLU B 41 -14.66 19.67 -18.68
CA GLU B 41 -15.74 18.69 -18.86
C GLU B 41 -15.75 17.68 -17.72
N GLY B 42 -14.58 17.29 -17.23
CA GLY B 42 -14.46 16.56 -15.98
C GLY B 42 -14.26 15.06 -16.11
N SER B 43 -14.51 14.46 -17.28
CA SER B 43 -14.40 13.01 -17.36
C SER B 43 -12.94 12.55 -17.31
N LEU B 44 -12.06 13.18 -18.09
CA LEU B 44 -10.65 12.82 -18.03
C LEU B 44 -10.08 13.05 -16.64
N LYS B 45 -10.35 14.22 -16.06
CA LYS B 45 -9.87 14.51 -14.71
C LYS B 45 -10.35 13.46 -13.71
N ALA B 46 -11.61 13.04 -13.82
CA ALA B 46 -12.14 12.05 -12.90
C ALA B 46 -11.42 10.71 -13.03
N SER B 47 -10.88 10.41 -14.21
CA SER B 47 -10.20 9.15 -14.40
C SER B 47 -8.73 9.20 -14.01
N CYS B 48 -8.18 10.38 -13.76
CA CYS B 48 -6.79 10.59 -13.38
C CYS B 48 -6.61 10.18 -11.93
N LEU B 49 -5.54 9.45 -11.59
CA LEU B 49 -5.39 8.94 -10.23
C LEU B 49 -5.46 10.05 -9.19
N TYR B 50 -4.72 11.15 -9.42
CA TYR B 50 -4.73 12.28 -8.51
C TYR B 50 -5.51 13.47 -9.04
N GLY B 51 -6.35 13.25 -10.05
CA GLY B 51 -7.07 14.34 -10.66
C GLY B 51 -6.21 15.33 -11.39
N GLN B 52 -5.00 14.90 -11.77
CA GLN B 52 -4.10 15.87 -12.44
C GLN B 52 -3.33 15.25 -13.60
N LEU B 53 -2.75 16.13 -14.40
CA LEU B 53 -1.85 15.73 -15.50
C LEU B 53 -0.44 16.22 -15.14
N PRO B 54 0.50 15.70 -15.39
CA PRO B 54 0.43 14.79 -16.76
C PRO B 54 0.11 13.35 -16.37
N LYS B 55 -0.34 12.65 -17.44
CA LYS B 55 -0.57 11.19 -17.50
C LYS B 55 0.41 10.63 -18.54
N PHE B 56 0.98 9.48 -18.29
CA PHE B 56 2.01 8.92 -19.20
C PHE B 56 1.74 7.45 -19.45
N GLN B 57 1.94 7.04 -20.69
CA GLN B 57 1.77 5.64 -21.08
C GLN B 57 3.08 5.13 -21.63
N ASP B 58 3.56 4.01 -21.09
CA ASP B 58 4.71 3.28 -21.60
C ASP B 58 4.21 1.87 -21.91
N GLY B 59 3.85 1.63 -23.16
CA GLY B 59 3.19 0.38 -23.48
C GLY B 59 1.87 0.30 -22.75
N ASP B 60 1.73 -0.72 -21.89
CA ASP B 60 0.50 -0.91 -21.14
C ASP B 60 0.61 -0.43 -19.70
N LEU B 61 1.69 0.27 -19.35
CA LEU B 61 1.88 0.83 -18.03
C LEU B 61 1.44 2.29 -18.06
N THR B 62 0.47 2.64 -17.22
CA THR B 62 -0.03 4.00 -17.11
C THR B 62 0.58 4.60 -15.85
N LEU B 63 1.10 5.81 -15.99
CA LEU B 63 1.69 6.52 -14.84
C LEU B 63 1.17 7.95 -14.74
N TYR B 64 1.10 8.39 -13.51
CA TYR B 64 0.91 9.81 -13.14
C TYR B 64 2.13 10.20 -12.31
N GLN B 65 2.22 11.65 -12.01
CA GLN B 65 3.38 12.29 -11.30
C GLN B 65 4.53 12.48 -12.27
N SER B 66 4.88 13.71 -12.50
CA SER B 66 6.01 14.08 -13.38
C SER B 66 7.31 13.42 -12.92
N ASN B 67 7.57 13.40 -11.63
CA ASN B 67 8.83 12.81 -11.17
C ASN B 67 8.82 11.29 -11.22
N THR B 68 7.64 10.67 -11.12
CA THR B 68 7.55 9.24 -11.36
C THR B 68 7.88 8.93 -12.80
N ILE B 69 7.40 9.75 -13.73
CA ILE B 69 7.73 9.55 -15.14
C ILE B 69 9.23 9.66 -15.35
N LEU B 70 9.86 10.71 -14.80
CA LEU B 70 11.30 10.89 -14.94
C LEU B 70 12.07 9.70 -14.38
N ARG B 71 11.70 9.24 -13.17
CA ARG B 71 12.44 8.15 -12.55
C ARG B 71 12.24 6.87 -13.34
N HIS B 72 11.05 6.68 -13.90
CA HIS B 72 10.80 5.47 -14.69
C HIS B 72 11.64 5.47 -15.96
N LEU B 73 11.68 6.60 -16.66
CA LEU B 73 12.53 6.71 -17.82
C LEU B 73 14.00 6.57 -17.45
N GLY B 74 14.40 7.14 -16.30
CA GLY B 74 15.77 6.98 -15.87
C GLY B 74 16.13 5.53 -15.62
N ARG B 75 15.19 4.79 -15.01
CA ARG B 75 15.46 3.41 -14.65
C ARG B 75 15.49 2.52 -15.87
N THR B 76 14.57 2.74 -16.81
CA THR B 76 14.45 1.87 -17.97
C THR B 76 15.40 2.26 -19.10
N LEU B 77 15.85 3.52 -19.16
CA LEU B 77 16.79 3.97 -20.18
C LEU B 77 18.22 4.09 -19.64
N GLY B 78 18.45 3.81 -18.36
CA GLY B 78 19.80 3.83 -17.84
C GLY B 78 20.35 5.21 -17.62
N LEU B 79 19.54 6.11 -17.04
CA LEU B 79 19.93 7.51 -16.73
C LEU B 79 19.73 7.70 -15.22
N TYR B 80 20.30 6.80 -14.44
CA TYR B 80 20.05 6.78 -12.97
C TYR B 80 21.33 6.49 -12.23
N GLY B 81 22.46 6.88 -12.79
CA GLY B 81 23.73 6.60 -12.11
C GLY B 81 24.28 5.21 -12.39
N LYS B 82 25.52 4.96 -11.96
CA LYS B 82 26.18 3.66 -12.24
C LYS B 82 25.92 2.65 -11.13
N ASP B 83 25.51 3.06 -10.10
CA ASP B 83 25.40 2.08 -8.99
C ASP B 83 24.50 2.65 -7.90
N GLN B 84 24.03 1.97 -6.78
CA GLN B 84 23.04 2.49 -5.80
C GLN B 84 23.47 3.81 -5.17
N GLN B 85 24.77 4.04 -4.96
CA GLN B 85 25.20 5.29 -4.34
C GLN B 85 24.95 6.47 -5.26
N GLU B 86 25.33 6.35 -6.54
CA GLU B 86 25.03 7.41 -7.49
C GLU B 86 23.53 7.60 -7.66
N ALA B 87 22.76 6.50 -7.65
CA ALA B 87 21.32 6.62 -7.73
C ALA B 87 20.77 7.47 -6.59
N ALA B 88 21.30 7.29 -5.38
CA ALA B 88 20.86 8.15 -4.28
C ALA B 88 21.21 9.60 -4.54
N LEU B 89 22.42 9.86 -5.05
CA LEU B 89 22.79 11.25 -5.34
C LEU B 89 21.90 11.83 -6.44
N VAL B 90 21.55 11.04 -7.44
CA VAL B 90 20.64 11.51 -8.48
C VAL B 90 19.30 11.92 -7.86
N ASP B 91 18.76 11.08 -6.97
CA ASP B 91 17.51 11.43 -6.30
C ASP B 91 17.66 12.70 -5.48
N MET B 92 18.79 12.88 -4.82
CA MET B 92 19.02 14.05 -3.94
C MET B 92 18.98 15.32 -4.78
N VAL B 93 19.50 15.26 -5.98
CA VAL B 93 19.45 16.41 -6.93
C VAL B 93 18.01 16.62 -7.38
N ASN B 94 17.33 15.55 -7.80
CA ASN B 94 15.96 15.72 -8.34
C ASN B 94 15.01 16.25 -7.28
N ASP B 95 15.14 15.78 -6.06
CA ASP B 95 14.29 16.28 -4.98
C ASP B 95 14.59 17.74 -4.70
N GLY B 96 15.86 18.15 -4.83
CA GLY B 96 16.18 19.57 -4.69
C GLY B 96 15.59 20.39 -5.82
N VAL B 97 15.59 19.83 -7.03
CA VAL B 97 14.98 20.51 -8.17
C VAL B 97 13.48 20.64 -7.94
N GLU B 98 12.84 19.57 -7.48
CA GLU B 98 11.42 19.60 -7.22
C GLU B 98 11.07 20.65 -6.16
N ASP B 99 11.89 20.77 -5.13
CA ASP B 99 11.58 21.76 -4.08
C ASP B 99 11.56 23.17 -4.68
N LEU B 100 12.54 23.50 -5.51
CA LEU B 100 12.58 24.86 -6.10
C LEU B 100 11.47 25.01 -7.14
N ARG B 101 11.16 23.99 -7.89
CA ARG B 101 10.04 24.08 -8.84
C ARG B 101 8.75 24.36 -8.03
N CYS B 102 8.58 23.70 -6.99
N CYS B 102 8.59 23.70 -6.98
CA CYS B 102 7.35 23.94 -6.24
CA CYS B 102 7.38 23.89 -6.18
C CYS B 102 7.24 25.40 -5.82
C CYS B 102 7.23 25.35 -5.78
N LYS B 103 8.33 25.99 -5.36
CA LYS B 103 8.30 27.40 -5.00
C LYS B 103 8.08 28.27 -6.23
N TYR B 104 8.68 27.91 -7.37
CA TYR B 104 8.48 28.65 -8.60
C TYR B 104 7.00 28.64 -9.01
N ILE B 105 6.39 27.47 -8.98
CA ILE B 105 4.98 27.33 -9.36
C ILE B 105 4.10 28.14 -8.43
N SER B 106 4.40 28.12 -7.13
CA SER B 106 3.63 28.95 -6.21
C SER B 106 3.75 30.43 -6.57
N LEU B 107 4.95 30.89 -6.91
CA LEU B 107 5.14 32.29 -7.33
C LEU B 107 4.29 32.60 -8.56
N ILE B 108 4.41 31.77 -9.57
CA ILE B 108 3.78 32.03 -10.86
C ILE B 108 2.27 32.15 -10.73
N TYR B 109 1.65 31.18 -10.05
CA TYR B 109 0.20 31.05 -10.10
C TYR B 109 -0.51 31.82 -9.00
N THR B 110 0.16 32.04 -7.88
CA THR B 110 -0.57 32.63 -6.75
C THR B 110 -0.01 33.97 -6.26
N ASN B 111 1.19 34.41 -6.65
CA ASN B 111 1.70 35.68 -6.09
C ASN B 111 2.79 36.29 -6.98
N TYR B 112 2.62 36.27 -8.28
CA TYR B 112 3.69 36.74 -9.18
C TYR B 112 4.08 38.21 -8.97
N GLU B 113 3.08 39.07 -9.07
CA GLU B 113 3.35 40.53 -9.03
C GLU B 113 3.92 40.96 -7.68
N ALA B 114 3.17 40.49 -6.72
CA ALA B 114 3.75 40.99 -5.46
C ALA B 114 5.01 40.23 -5.05
N GLY B 115 5.23 38.91 -5.28
CA GLY B 115 6.28 38.03 -4.74
C GLY B 115 7.53 37.89 -5.61
N LYS B 116 7.55 38.52 -6.77
CA LYS B 116 8.68 38.28 -7.67
C LYS B 116 9.99 38.86 -7.12
N ASP B 117 9.94 40.00 -6.60
CA ASP B 117 11.15 40.64 -6.03
C ASP B 117 11.77 39.79 -4.94
N ASP B 118 11.11 39.47 -4.40
CA ASP B 118 11.34 38.75 -3.14
C ASP B 118 11.94 37.39 -3.49
N TYR B 119 11.21 36.69 -4.35
CA TYR B 119 11.66 35.42 -4.97
C TYR B 119 13.04 35.59 -5.61
N VAL B 120 13.22 36.64 -6.40
CA VAL B 120 14.49 36.85 -7.09
C VAL B 120 15.62 37.08 -6.11
N LYS B 121 15.34 37.79 -5.01
CA LYS B 121 16.36 38.04 -4.01
C LYS B 121 16.81 36.75 -3.35
N ALA B 122 15.87 35.82 -3.12
CA ALA B 122 16.19 34.53 -2.52
C ALA B 122 16.82 33.57 -3.51
N LEU B 123 16.69 33.84 -4.80
CA LEU B 123 17.14 32.87 -5.80
C LEU B 123 18.60 32.48 -5.70
N PRO B 124 19.58 33.38 -5.48
CA PRO B 124 20.97 32.90 -5.42
C PRO B 124 21.19 31.83 -4.38
N GLY B 125 20.57 31.98 -3.21
CA GLY B 125 20.68 30.94 -2.19
C GLY B 125 20.05 29.64 -2.62
N GLN B 126 19.07 29.70 -3.52
CA GLN B 126 18.39 28.50 -4.00
C GLN B 126 19.18 27.79 -5.09
N LEU B 127 20.02 28.52 -5.81
CA LEU B 127 20.79 27.92 -6.89
C LEU B 127 22.14 27.41 -6.43
N LYS B 128 22.71 27.99 -5.38
CA LYS B 128 24.04 27.61 -4.92
C LYS B 128 24.22 26.12 -4.65
N PRO B 129 23.25 25.39 -4.09
CA PRO B 129 23.46 23.95 -3.90
C PRO B 129 23.81 23.23 -5.18
N PHE B 130 23.18 23.62 -6.29
CA PHE B 130 23.48 22.95 -7.55
C PHE B 130 24.85 23.33 -8.07
N GLU B 131 25.24 24.60 -7.90
CA GLU B 131 26.63 25.01 -8.17
C GLU B 131 27.59 24.19 -7.31
N THR B 132 27.29 24.05 -6.04
CA THR B 132 28.15 23.23 -5.14
C THR B 132 28.25 21.79 -5.65
N LEU B 133 27.13 21.18 -6.04
CA LEU B 133 27.17 19.79 -6.54
C LEU B 133 28.07 19.73 -7.77
N LEU B 134 27.93 20.67 -8.68
CA LEU B 134 28.82 20.60 -9.87
C LEU B 134 30.27 20.73 -9.43
N SER B 135 30.55 21.60 -8.48
CA SER B 135 31.91 21.86 -8.03
C SER B 135 32.58 20.61 -7.49
N GLN B 136 31.79 19.72 -6.93
CA GLN B 136 32.30 18.50 -6.32
C GLN B 136 32.35 17.33 -7.28
N ASN B 137 32.00 17.52 -8.55
CA ASN B 137 31.99 16.46 -9.54
C ASN B 137 32.83 16.87 -10.74
N GLN B 138 34.13 16.55 -10.69
CA GLN B 138 35.02 16.75 -11.84
C GLN B 138 35.03 18.21 -12.28
N GLY B 139 35.09 19.12 -11.31
CA GLY B 139 35.15 20.54 -11.60
C GLY B 139 33.94 21.09 -12.32
N GLY B 140 32.79 20.42 -12.20
CA GLY B 140 31.60 20.86 -12.92
C GLY B 140 31.64 20.65 -14.41
N LYS B 141 32.56 19.82 -14.91
CA LYS B 141 32.77 19.73 -16.35
C LYS B 141 31.93 18.65 -17.02
N THR B 142 31.15 17.87 -16.26
CA THR B 142 30.42 16.76 -16.85
C THR B 142 28.91 16.80 -16.62
N PHE B 143 28.38 16.39 -15.54
CA PHE B 143 26.97 16.17 -15.32
C PHE B 143 26.79 16.44 -13.84
N ILE B 144 25.54 16.50 -13.40
CA ILE B 144 25.29 16.86 -12.01
C ILE B 144 25.77 15.76 -11.06
N VAL B 145 25.64 14.50 -11.47
CA VAL B 145 26.09 13.36 -10.67
C VAL B 145 26.85 12.42 -11.60
N GLY B 146 28.09 12.08 -11.22
CA GLY B 146 28.78 11.04 -11.97
C GLY B 146 29.24 11.50 -13.35
N ASP B 147 29.48 10.51 -14.21
CA ASP B 147 30.12 10.71 -15.49
C ASP B 147 29.16 10.61 -16.67
N GLN B 148 27.88 10.37 -16.41
CA GLN B 148 26.91 10.22 -17.47
C GLN B 148 25.66 11.02 -17.10
N ILE B 149 24.88 11.36 -18.13
CA ILE B 149 23.67 12.12 -17.89
C ILE B 149 22.64 11.27 -17.16
N SER B 150 21.84 11.94 -16.34
CA SER B 150 20.79 11.30 -15.57
C SER B 150 19.50 12.07 -15.74
N PHE B 151 18.39 11.45 -15.32
CA PHE B 151 17.12 12.18 -15.42
C PHE B 151 17.16 13.47 -14.62
N ALA B 152 17.96 13.53 -13.55
CA ALA B 152 18.01 14.77 -12.79
C ALA B 152 18.66 15.90 -13.58
N ASP B 153 19.57 15.59 -14.51
CA ASP B 153 20.15 16.64 -15.34
C ASP B 153 19.08 17.34 -16.17
N TYR B 154 18.16 16.57 -16.74
CA TYR B 154 17.11 17.18 -17.55
C TYR B 154 16.19 18.05 -16.71
N ASN B 155 15.86 17.58 -15.50
CA ASN B 155 15.00 18.38 -14.64
C ASN B 155 15.74 19.63 -14.19
N LEU B 156 17.00 19.48 -13.77
CA LEU B 156 17.81 20.65 -13.39
C LEU B 156 17.95 21.61 -14.56
N LEU B 157 18.19 21.11 -15.76
CA LEU B 157 18.31 22.00 -16.91
C LEU B 157 17.02 22.80 -17.12
N ASP B 158 15.91 22.17 -17.02
CA ASP B 158 14.65 22.91 -17.23
C ASP B 158 14.47 23.94 -16.12
N LEU B 159 14.78 23.58 -15.07
CA LEU B 159 14.68 24.47 -13.89
C LEU B 159 15.52 25.74 -14.13
N LEU B 160 16.76 25.55 -14.54
CA LEU B 160 17.65 26.68 -14.78
C LEU B 160 17.13 27.53 -15.94
N LEU B 161 16.63 26.88 -17.02
CA LEU B 161 16.14 27.64 -18.15
C LEU B 161 14.97 28.54 -17.75
N ILE B 162 14.00 27.98 -17.03
CA ILE B 162 12.86 28.81 -16.67
C ILE B 162 13.27 29.92 -15.73
N HIS B 163 14.31 29.70 -14.92
CA HIS B 163 14.75 30.77 -14.05
C HIS B 163 15.53 31.83 -14.80
N GLU B 164 16.20 31.47 -15.89
CA GLU B 164 16.84 32.46 -16.72
C GLU B 164 15.81 33.39 -17.38
N VAL B 165 14.63 32.85 -17.66
CA VAL B 165 13.54 33.67 -18.22
C VAL B 165 12.95 34.56 -17.13
N LEU B 166 12.75 34.01 -15.94
CA LEU B 166 12.16 34.78 -14.85
C LEU B 166 13.09 35.92 -14.43
N ALA B 167 14.39 35.63 -14.38
CA ALA B 167 15.38 36.56 -13.82
C ALA B 167 16.64 36.45 -14.66
N PRO B 168 16.68 37.12 -15.81
CA PRO B 168 17.85 37.00 -16.69
C PRO B 168 19.11 37.46 -15.98
N GLY B 169 20.20 36.73 -16.22
CA GLY B 169 21.46 36.95 -15.55
C GLY B 169 21.60 36.22 -14.23
N CYS B 170 20.59 35.45 -13.81
CA CYS B 170 20.65 34.78 -12.52
C CYS B 170 21.77 33.75 -12.44
N LEU B 171 22.27 33.27 -13.57
CA LEU B 171 23.39 32.34 -13.56
C LEU B 171 24.76 33.02 -13.67
N ASP B 172 24.80 34.34 -13.79
CA ASP B 172 26.09 35.02 -13.94
C ASP B 172 26.97 34.82 -12.71
N ALA B 173 26.36 34.64 -11.55
CA ALA B 173 27.12 34.44 -10.31
C ALA B 173 27.55 33.00 -10.13
N PHE B 174 27.16 32.10 -11.04
CA PHE B 174 27.40 30.66 -10.90
C PHE B 174 28.07 30.13 -12.16
N PRO B 175 29.41 30.23 -12.24
CA PRO B 175 30.09 29.81 -13.48
C PRO B 175 29.83 28.38 -13.89
N LEU B 176 29.78 27.43 -12.94
CA LEU B 176 29.60 26.05 -13.35
C LEU B 176 28.19 25.81 -13.88
N LEU B 177 27.18 26.38 -13.22
CA LEU B 177 25.82 26.25 -13.71
C LEU B 177 25.64 26.92 -15.06
N SER B 178 26.28 28.09 -15.25
N SER B 178 26.28 28.09 -15.26
CA SER B 178 26.17 28.78 -16.53
CA SER B 178 26.13 28.76 -16.55
C SER B 178 26.75 27.92 -17.65
C SER B 178 26.76 27.94 -17.67
N ALA B 179 27.98 27.42 -17.45
CA ALA B 179 28.60 26.56 -18.46
C ALA B 179 27.83 25.26 -18.65
N TYR B 180 27.26 24.73 -17.56
CA TYR B 180 26.47 23.50 -17.62
C TYR B 180 25.24 23.67 -18.51
N VAL B 181 24.51 24.78 -18.34
CA VAL B 181 23.40 25.10 -19.22
C VAL B 181 23.87 25.15 -20.66
N GLY B 182 24.97 25.86 -20.92
CA GLY B 182 25.48 25.95 -22.27
C GLY B 182 25.82 24.60 -22.88
N ARG B 183 26.47 23.74 -22.12
CA ARG B 183 26.95 22.44 -22.61
C ARG B 183 25.79 21.50 -22.89
N LEU B 184 24.86 21.40 -21.95
N LEU B 184 24.87 21.38 -21.93
CA LEU B 184 23.75 20.46 -22.12
CA LEU B 184 23.74 20.48 -22.11
C LEU B 184 22.76 20.95 -23.17
C LEU B 184 22.85 20.96 -23.23
N SER B 185 22.60 22.27 -23.30
CA SER B 185 21.74 22.81 -24.36
C SER B 185 22.32 22.59 -25.74
N ALA B 186 23.63 22.41 -25.85
CA ALA B 186 24.30 22.20 -27.14
C ALA B 186 24.29 20.75 -27.59
N ARG B 187 23.80 19.92 -26.62
CA ARG B 187 23.69 18.56 -27.09
C ARG B 187 22.80 18.55 -28.34
N PRO B 188 23.00 17.89 -29.50
CA PRO B 188 22.52 17.97 -31.11
C PRO B 188 21.01 17.74 -31.07
N LYS B 189 20.62 16.62 -30.33
CA LYS B 189 19.16 16.33 -30.22
C LYS B 189 18.43 17.32 -29.31
N LEU B 190 18.98 17.62 -28.24
CA LEU B 190 18.28 18.55 -27.34
C LEU B 190 18.28 19.94 -27.96
N LYS B 191 19.39 20.38 -28.54
CA LYS B 191 19.41 21.69 -29.21
C LYS B 191 18.32 21.79 -30.26
N ALA B 192 18.18 20.74 -31.08
CA ALA B 192 17.12 20.72 -32.09
C ALA B 192 15.74 20.84 -31.46
N PHE B 193 15.49 20.08 -30.40
CA PHE B 193 14.19 20.15 -29.73
C PHE B 193 13.93 21.54 -29.14
N LEU B 194 14.92 22.11 -28.45
CA LEU B 194 14.74 23.39 -27.79
C LEU B 194 14.52 24.53 -28.79
N ALA B 195 14.92 24.34 -30.04
CA ALA B 195 14.67 25.33 -31.08
C ALA B 195 13.38 25.07 -31.84
N SER B 196 12.71 23.97 -31.56
CA SER B 196 11.60 23.56 -32.40
C SER B 196 10.30 24.25 -31.97
N PRO B 197 9.34 24.39 -32.90
CA PRO B 197 8.08 25.05 -32.55
C PRO B 197 7.34 24.37 -31.44
N GLU B 198 7.46 23.04 -31.31
CA GLU B 198 6.70 22.35 -30.30
C GLU B 198 7.16 22.69 -28.89
N TYR B 199 8.38 23.22 -28.75
CA TYR B 199 8.86 23.75 -27.48
C TYR B 199 8.71 25.27 -27.41
N VAL B 200 9.24 25.96 -28.43
CA VAL B 200 9.32 27.42 -28.41
C VAL B 200 7.94 28.05 -28.33
N ASN B 201 6.96 27.52 -29.07
CA ASN B 201 5.65 28.16 -29.09
C ASN B 201 4.71 27.69 -28.00
N LEU B 202 5.20 26.91 -27.02
CA LEU B 202 4.36 26.66 -25.87
C LEU B 202 4.74 27.62 -24.76
N PRO B 203 3.79 28.12 -23.98
CA PRO B 203 4.15 28.92 -22.81
C PRO B 203 4.79 28.04 -21.75
N ILE B 204 5.63 28.66 -20.93
CA ILE B 204 6.23 27.93 -19.82
C ILE B 204 5.14 27.47 -18.86
N ASN B 205 4.21 28.36 -18.52
CA ASN B 205 3.14 28.10 -17.58
C ASN B 205 1.79 28.38 -18.21
N GLY B 206 0.73 27.99 -17.50
CA GLY B 206 -0.60 28.06 -18.06
C GLY B 206 -1.22 29.44 -18.05
N ASN B 207 -0.71 30.35 -17.24
CA ASN B 207 -1.27 31.69 -17.12
C ASN B 207 -0.49 32.73 -17.91
N GLY B 208 0.39 32.31 -18.81
CA GLY B 208 1.21 33.23 -19.58
C GLY B 208 2.30 33.93 -18.79
N LYS B 209 2.34 33.80 -17.47
CA LYS B 209 3.36 34.45 -16.68
C LYS B 209 4.64 33.62 -16.69
N GLN B 210 5.77 34.32 -16.66
CA GLN B 210 7.08 33.68 -16.74
C GLN B 210 8.15 34.66 -16.30
N PRO C 2 -21.13 11.02 18.92
CA PRO C 2 -21.72 10.66 17.63
C PRO C 2 -23.15 10.30 17.96
N PRO C 3 -24.31 10.73 17.15
CA PRO C 3 -25.72 10.45 17.25
C PRO C 3 -25.98 8.94 17.29
N TYR C 4 -25.27 8.16 16.53
CA TYR C 4 -25.46 6.71 16.42
C TYR C 4 -24.11 6.05 16.21
N THR C 5 -23.99 4.81 16.71
CA THR C 5 -22.78 4.03 16.53
C THR C 5 -23.14 2.63 16.04
N VAL C 6 -22.51 2.25 14.94
CA VAL C 6 -22.69 0.91 14.31
C VAL C 6 -21.45 0.06 14.55
N VAL C 7 -21.63 -1.05 15.27
CA VAL C 7 -20.50 -1.98 15.53
C VAL C 7 -20.72 -3.23 14.67
N TYR C 8 -19.82 -3.45 13.74
CA TYR C 8 -20.01 -4.57 12.80
C TYR C 8 -18.67 -4.95 12.14
N PHE C 9 -18.69 -6.10 11.46
CA PHE C 9 -17.59 -6.56 10.63
C PHE C 9 -17.46 -5.69 9.38
N PRO C 10 -16.27 -5.71 8.72
CA PRO C 10 -16.14 -4.88 7.50
C PRO C 10 -16.82 -5.52 6.29
N VAL C 11 -18.14 -5.59 6.36
CA VAL C 11 -18.96 -6.19 5.32
C VAL C 11 -20.24 -5.39 5.21
N ARG C 12 -20.93 -5.52 4.08
CA ARG C 12 -22.23 -4.87 3.94
C ARG C 12 -23.26 -5.61 4.78
N GLY C 13 -23.54 -6.85 4.40
CA GLY C 13 -24.24 -7.80 5.25
C GLY C 13 -25.54 -7.25 5.81
N ARG C 14 -25.75 -7.52 7.10
CA ARG C 14 -26.96 -7.11 7.79
C ARG C 14 -26.97 -5.66 8.22
N CYS C 15 -25.93 -4.88 7.87
CA CYS C 15 -25.96 -3.46 8.18
C CYS C 15 -26.16 -2.57 6.95
N ALA C 16 -26.20 -3.14 5.75
CA ALA C 16 -26.34 -2.32 4.55
C ALA C 16 -27.64 -1.54 4.54
N ALA C 17 -28.75 -2.20 4.88
CA ALA C 17 -30.04 -1.50 4.89
C ALA C 17 -30.05 -0.37 5.90
N LEU C 18 -29.63 -0.64 7.15
CA LEU C 18 -29.69 0.42 8.14
C LEU C 18 -28.73 1.56 7.81
N ARG C 19 -27.61 1.26 7.15
CA ARG C 19 -26.72 2.33 6.71
C ARG C 19 -27.35 3.18 5.63
N MET C 20 -28.04 2.53 4.68
N MET C 20 -28.01 2.52 4.67
CA MET C 20 -28.72 3.29 3.63
CA MET C 20 -28.73 3.27 3.63
C MET C 20 -29.82 4.17 4.22
C MET C 20 -29.76 4.18 4.26
N LEU C 21 -30.52 3.67 5.24
CA LEU C 21 -31.52 4.49 5.92
C LEU C 21 -30.88 5.73 6.53
N LEU C 22 -29.82 5.54 7.33
CA LEU C 22 -29.17 6.66 7.99
C LEU C 22 -28.67 7.69 6.99
N ALA C 23 -27.96 7.22 5.97
CA ALA C 23 -27.44 8.11 4.93
C ALA C 23 -28.58 8.85 4.25
N ASP C 24 -29.63 8.12 3.84
CA ASP C 24 -30.74 8.75 3.11
C ASP C 24 -31.45 9.79 3.97
N GLN C 25 -31.56 9.54 5.28
CA GLN C 25 -32.19 10.48 6.21
C GLN C 25 -31.24 11.56 6.71
N GLY C 26 -30.05 11.68 6.12
CA GLY C 26 -29.12 12.72 6.53
C GLY C 26 -28.58 12.58 7.92
N GLN C 27 -28.55 11.37 8.47
CA GLN C 27 -28.06 11.13 9.81
C GLN C 27 -26.56 10.84 9.78
N SER C 28 -25.88 11.29 10.82
CA SER C 28 -24.44 11.00 10.98
C SER C 28 -24.33 9.81 11.93
N TRP C 29 -23.30 9.01 11.73
CA TRP C 29 -23.08 7.88 12.63
C TRP C 29 -21.60 7.51 12.62
N LYS C 30 -21.21 6.78 13.64
CA LYS C 30 -19.83 6.29 13.74
C LYS C 30 -19.79 4.78 13.44
N GLU C 31 -18.92 4.41 12.53
CA GLU C 31 -18.65 3.01 12.25
C GLU C 31 -17.51 2.55 13.14
N GLU C 32 -17.78 1.57 13.99
CA GLU C 32 -16.74 0.87 14.73
C GLU C 32 -16.56 -0.48 14.07
N VAL C 33 -15.47 -0.64 13.36
CA VAL C 33 -15.25 -1.84 12.57
C VAL C 33 -14.54 -2.88 13.43
N VAL C 34 -15.07 -4.09 13.41
CA VAL C 34 -14.52 -5.21 14.15
C VAL C 34 -13.94 -6.20 13.15
N THR C 35 -12.64 -6.42 13.21
CA THR C 35 -12.07 -7.44 12.35
C THR C 35 -12.33 -8.85 12.92
N VAL C 36 -12.21 -9.85 12.05
CA VAL C 36 -12.39 -11.24 12.49
C VAL C 36 -11.38 -11.60 13.58
N GLU C 37 -10.15 -11.09 13.46
CA GLU C 37 -9.14 -11.35 14.49
C GLU C 37 -9.57 -10.77 15.83
N THR C 38 -10.04 -9.52 15.84
CA THR C 38 -10.54 -8.91 17.08
C THR C 38 -11.73 -9.69 17.62
N TRP C 39 -12.66 -10.08 16.73
CA TRP C 39 -13.82 -10.85 17.15
C TRP C 39 -13.41 -12.14 17.83
N GLN C 40 -12.37 -12.81 17.30
CA GLN C 40 -12.04 -14.14 17.79
C GLN C 40 -11.30 -14.12 19.12
N GLU C 41 -10.78 -12.97 19.55
CA GLU C 41 -10.22 -12.94 20.90
C GLU C 41 -11.31 -13.03 21.97
N GLY C 42 -12.57 -12.67 21.64
CA GLY C 42 -13.71 -13.15 22.39
C GLY C 42 -14.34 -12.18 23.38
N SER C 43 -13.65 -11.09 23.76
CA SER C 43 -14.22 -10.19 24.77
C SER C 43 -15.49 -9.50 24.27
N LEU C 44 -15.43 -8.95 23.05
CA LEU C 44 -16.59 -8.26 22.53
C LEU C 44 -17.75 -9.22 22.37
N LYS C 45 -17.47 -10.41 21.79
CA LYS C 45 -18.55 -11.37 21.56
C LYS C 45 -19.24 -11.75 22.86
N ALA C 46 -18.47 -11.99 23.94
CA ALA C 46 -19.05 -12.37 25.21
C ALA C 46 -19.92 -11.27 25.80
N SER C 47 -19.68 -10.01 25.44
CA SER C 47 -20.40 -8.82 25.86
C SER C 47 -21.72 -8.61 25.11
N CYS C 48 -21.84 -9.21 23.92
CA CYS C 48 -22.96 -9.04 23.00
C CYS C 48 -24.12 -9.90 23.46
N LEU C 49 -25.34 -9.34 23.50
CA LEU C 49 -26.49 -10.05 24.08
C LEU C 49 -26.68 -11.44 23.50
N TYR C 50 -26.70 -11.56 22.17
CA TYR C 50 -26.83 -12.85 21.51
C TYR C 50 -25.51 -13.32 20.92
N GLY C 51 -24.39 -12.73 21.35
CA GLY C 51 -23.11 -13.18 20.88
C GLY C 51 -22.81 -12.82 19.45
N GLN C 52 -23.53 -11.84 18.93
CA GLN C 52 -23.39 -11.50 17.50
C GLN C 52 -23.45 -9.99 17.26
N LEU C 53 -23.00 -9.61 16.07
CA LEU C 53 -23.10 -8.22 15.58
C LEU C 53 -24.13 -8.19 14.45
N PRO C 54 -24.76 -7.05 14.13
CA PRO C 54 -24.40 -5.75 14.68
C PRO C 54 -24.86 -5.39 16.10
N LYS C 55 -24.05 -4.51 16.69
CA LYS C 55 -24.36 -3.82 17.94
C LYS C 55 -24.62 -2.36 17.53
N PHE C 56 -25.57 -1.71 18.18
CA PHE C 56 -25.99 -0.36 17.82
C PHE C 56 -26.17 0.46 19.09
N GLN C 57 -25.75 1.72 19.04
CA GLN C 57 -25.99 2.62 20.15
C GLN C 57 -26.66 3.88 19.62
N ASP C 58 -27.74 4.27 20.31
CA ASP C 58 -28.43 5.54 20.07
C ASP C 58 -28.47 6.22 21.43
N GLY C 59 -27.44 7.03 21.71
CA GLY C 59 -27.36 7.72 23.02
C GLY C 59 -27.11 6.73 24.14
N ASP C 60 -27.96 6.61 24.91
CA ASP C 60 -27.88 5.70 26.08
C ASP C 60 -28.39 4.29 25.72
N LEU C 61 -29.06 4.15 24.71
CA LEU C 61 -29.68 2.87 24.32
C LEU C 61 -28.74 2.01 23.51
N THR C 62 -28.47 0.82 24.02
CA THR C 62 -27.68 -0.16 23.28
C THR C 62 -28.63 -1.22 22.74
N LEU C 63 -28.53 -1.51 21.45
CA LEU C 63 -29.39 -2.51 20.82
C LEU C 63 -28.55 -3.54 20.07
N TYR C 64 -29.13 -4.73 19.93
CA TYR C 64 -28.68 -5.77 19.03
C TYR C 64 -29.86 -6.15 18.14
N GLN C 65 -29.58 -6.94 17.10
CA GLN C 65 -30.54 -7.44 16.10
C GLN C 65 -30.79 -6.42 14.99
N SER C 66 -30.35 -6.72 13.77
CA SER C 66 -30.45 -5.80 12.64
C SER C 66 -31.86 -5.23 12.50
N ASN C 67 -32.88 -6.10 12.58
CA ASN C 67 -34.25 -5.65 12.38
C ASN C 67 -34.76 -4.87 13.56
N THR C 68 -34.21 -5.11 14.74
CA THR C 68 -34.54 -4.23 15.86
C THR C 68 -34.00 -2.83 15.63
N ILE C 69 -32.82 -2.73 15.04
CA ILE C 69 -32.23 -1.42 14.74
C ILE C 69 -33.07 -0.70 13.70
N LEU C 70 -33.47 -1.40 12.63
CA LEU C 70 -34.31 -0.81 11.61
C LEU C 70 -35.64 -0.32 12.17
N ARG C 71 -36.31 -1.15 12.97
CA ARG C 71 -37.58 -0.73 13.56
C ARG C 71 -37.39 0.45 14.49
N HIS C 72 -36.27 0.47 15.22
CA HIS C 72 -36.02 1.59 16.13
C HIS C 72 -35.85 2.88 15.34
N LEU C 73 -35.02 2.84 14.31
CA LEU C 73 -34.83 4.03 13.48
C LEU C 73 -36.13 4.42 12.79
N GLY C 74 -36.92 3.43 12.40
CA GLY C 74 -38.22 3.74 11.82
C GLY C 74 -39.16 4.41 12.80
N ARG C 75 -39.19 3.91 14.04
CA ARG C 75 -40.05 4.50 15.06
C ARG C 75 -39.63 5.93 15.36
N THR C 76 -38.34 6.14 15.61
CA THR C 76 -37.86 7.44 16.09
C THR C 76 -37.76 8.46 14.98
N LEU C 77 -37.55 8.03 13.74
CA LEU C 77 -37.39 8.98 12.64
C LEU C 77 -38.64 9.13 11.80
N GLY C 78 -39.71 8.40 12.11
CA GLY C 78 -40.95 8.57 11.38
C GLY C 78 -40.95 7.82 10.06
N LEU C 79 -40.34 6.64 10.02
CA LEU C 79 -40.31 5.80 8.80
C LEU C 79 -41.00 4.47 9.11
N TYR C 80 -42.20 4.55 9.66
CA TYR C 80 -42.94 3.36 10.12
C TYR C 80 -44.42 3.44 9.74
N GLY C 81 -44.70 4.11 8.64
CA GLY C 81 -46.10 4.26 8.21
C GLY C 81 -46.81 5.45 8.85
N LYS C 82 -47.95 5.80 8.29
CA LYS C 82 -48.70 6.96 8.78
C LYS C 82 -49.68 6.62 9.89
N ASP C 83 -50.00 5.35 10.10
CA ASP C 83 -50.94 4.97 11.13
C ASP C 83 -50.64 3.52 11.53
N GLN C 84 -51.47 2.96 12.39
CA GLN C 84 -51.24 1.57 12.87
C GLN C 84 -51.41 0.55 11.75
N GLN C 85 -52.34 0.79 10.83
CA GLN C 85 -52.55 -0.17 9.72
C GLN C 85 -51.31 -0.19 8.83
N GLU C 86 -50.78 0.98 8.48
CA GLU C 86 -49.58 1.03 7.63
C GLU C 86 -48.42 0.39 8.36
N ALA C 87 -48.30 0.65 9.65
CA ALA C 87 -47.22 0.05 10.42
C ALA C 87 -47.27 -1.47 10.34
N ALA C 88 -48.47 -2.05 10.40
CA ALA C 88 -48.55 -3.49 10.26
C ALA C 88 -48.09 -3.91 8.87
N LEU C 89 -48.45 -3.15 7.84
CA LEU C 89 -48.04 -3.55 6.50
C LEU C 89 -46.53 -3.40 6.32
N VAL C 90 -45.94 -2.38 6.92
CA VAL C 90 -44.48 -2.23 6.92
C VAL C 90 -43.83 -3.44 7.56
N ASP C 91 -44.33 -3.87 8.72
CA ASP C 91 -43.81 -5.08 9.35
C ASP C 91 -43.95 -6.30 8.44
N MET C 92 -45.09 -6.43 7.75
CA MET C 92 -45.32 -7.59 6.90
C MET C 92 -44.31 -7.62 5.75
N VAL C 93 -43.99 -6.47 5.20
CA VAL C 93 -42.95 -6.38 4.19
C VAL C 93 -41.61 -6.78 4.80
N ASN C 94 -41.26 -6.19 5.92
CA ASN C 94 -39.93 -6.43 6.47
C ASN C 94 -39.75 -7.89 6.84
N ASP C 95 -40.79 -8.53 7.37
CA ASP C 95 -40.69 -9.93 7.74
C ASP C 95 -40.50 -10.80 6.50
N GLY C 96 -41.14 -10.43 5.39
CA GLY C 96 -40.90 -11.14 4.13
C GLY C 96 -39.48 -10.94 3.62
N VAL C 97 -38.94 -9.73 3.77
CA VAL C 97 -37.57 -9.46 3.38
C VAL C 97 -36.62 -10.30 4.20
N GLU C 98 -36.83 -10.33 5.52
CA GLU C 98 -35.99 -11.13 6.39
C GLU C 98 -36.04 -12.61 6.02
N ASP C 99 -37.20 -13.16 5.71
CA ASP C 99 -37.28 -14.58 5.32
C ASP C 99 -36.39 -14.82 4.11
N LEU C 100 -36.46 -13.99 3.09
CA LEU C 100 -35.64 -14.22 1.89
C LEU C 100 -34.17 -13.98 2.22
N ARG C 101 -33.87 -12.97 3.03
CA ARG C 101 -32.47 -12.73 3.43
C ARG C 101 -31.96 -13.98 4.18
N CYS C 102 -32.69 -14.59 4.94
N CYS C 102 -32.69 -14.58 4.96
CA CYS C 102 -32.20 -15.80 5.59
CA CYS C 102 -32.24 -15.81 5.61
C CYS C 102 -31.88 -16.89 4.57
C CYS C 102 -31.90 -16.89 4.58
N LYS C 103 -32.73 -17.05 3.55
CA LYS C 103 -32.47 -18.04 2.53
C LYS C 103 -31.23 -17.68 1.72
N TYR C 104 -31.06 -16.39 1.44
CA TYR C 104 -29.88 -15.93 0.73
C TYR C 104 -28.62 -16.20 1.55
N ILE C 105 -28.67 -15.92 2.86
CA ILE C 105 -27.51 -16.15 3.72
C ILE C 105 -27.17 -17.63 3.77
N SER C 106 -28.19 -18.49 3.89
CA SER C 106 -27.93 -19.93 3.89
C SER C 106 -27.21 -20.37 2.61
N LEU C 107 -27.62 -19.83 1.47
CA LEU C 107 -26.97 -20.15 0.20
C LEU C 107 -25.52 -19.69 0.21
N ILE C 108 -25.29 -18.43 0.59
CA ILE C 108 -23.97 -17.83 0.50
C ILE C 108 -22.98 -18.57 1.40
N TYR C 109 -23.38 -18.90 2.61
CA TYR C 109 -22.45 -19.41 3.62
C TYR C 109 -22.42 -20.92 3.77
N THR C 110 -23.39 -21.64 3.22
CA THR C 110 -23.42 -23.09 3.42
C THR C 110 -23.52 -23.92 2.15
N ASN C 111 -23.90 -23.34 1.01
CA ASN C 111 -24.27 -24.19 -0.11
C ASN C 111 -24.00 -23.57 -1.47
N TYR C 112 -23.28 -22.43 -1.49
CA TYR C 112 -23.17 -21.64 -2.71
C TYR C 112 -23.04 -22.38 -4.04
N GLU C 113 -21.99 -23.19 -4.18
CA GLU C 113 -21.71 -23.80 -5.48
C GLU C 113 -22.81 -24.78 -5.88
N ALA C 114 -23.21 -25.66 -4.96
CA ALA C 114 -24.19 -26.69 -5.27
C ALA C 114 -25.63 -26.18 -5.25
N GLY C 115 -25.90 -25.05 -4.60
CA GLY C 115 -27.26 -24.60 -4.45
C GLY C 115 -27.67 -23.42 -5.30
N LYS C 116 -26.70 -22.69 -5.84
CA LYS C 116 -27.01 -21.45 -6.58
C LYS C 116 -27.99 -21.67 -7.72
N ASP C 117 -27.96 -22.52 -8.07
CA ASP C 117 -28.74 -22.83 -9.30
C ASP C 117 -30.21 -23.11 -8.96
N ASP C 118 -30.50 -23.91 -8.09
CA ASP C 118 -31.87 -24.13 -7.56
C ASP C 118 -32.38 -22.82 -6.97
N TYR C 119 -31.49 -22.11 -6.27
CA TYR C 119 -31.93 -20.87 -5.63
C TYR C 119 -32.42 -19.86 -6.65
N VAL C 120 -31.62 -19.62 -7.70
CA VAL C 120 -32.02 -18.65 -8.72
C VAL C 120 -33.27 -19.12 -9.46
N LYS C 121 -33.41 -20.44 -9.65
CA LYS C 121 -34.62 -20.97 -10.27
C LYS C 121 -35.86 -20.64 -9.44
N ALA C 122 -35.73 -20.69 -8.11
CA ALA C 122 -36.83 -20.38 -7.22
C ALA C 122 -37.01 -18.88 -7.01
N LEU C 123 -36.04 -18.08 -7.41
CA LEU C 123 -36.05 -16.64 -7.10
C LEU C 123 -37.29 -15.90 -7.60
N PRO C 124 -37.79 -16.12 -8.84
CA PRO C 124 -39.00 -15.40 -9.24
C PRO C 124 -40.17 -15.57 -8.28
N GLY C 125 -40.39 -16.79 -7.77
CA GLY C 125 -41.46 -17.00 -6.81
C GLY C 125 -41.24 -16.30 -5.49
N GLN C 126 -39.98 -16.03 -5.13
CA GLN C 126 -39.66 -15.34 -3.89
C GLN C 126 -39.77 -13.82 -4.03
N LEU C 127 -39.57 -13.29 -5.24
CA LEU C 127 -39.65 -11.86 -5.50
C LEU C 127 -41.07 -11.40 -5.80
N LYS C 128 -41.90 -12.29 -6.35
CA LYS C 128 -43.26 -11.97 -6.74
C LYS C 128 -44.11 -11.31 -5.65
N PRO C 129 -44.03 -11.70 -4.38
CA PRO C 129 -44.86 -11.01 -3.37
C PRO C 129 -44.57 -9.53 -3.28
N PHE C 130 -43.31 -9.12 -3.48
CA PHE C 130 -42.97 -7.71 -3.38
C PHE C 130 -43.47 -6.93 -4.59
N GLU C 131 -43.42 -7.55 -5.76
CA GLU C 131 -44.05 -6.96 -6.93
C GLU C 131 -45.55 -6.85 -6.71
N THR C 132 -46.16 -7.90 -6.14
CA THR C 132 -47.59 -7.85 -5.84
C THR C 132 -47.93 -6.69 -4.91
N LEU C 133 -47.14 -6.51 -3.85
CA LEU C 133 -47.38 -5.42 -2.93
C LEU C 133 -47.28 -4.07 -3.64
N LEU C 134 -46.26 -3.90 -4.48
CA LEU C 134 -46.14 -2.65 -5.22
C LEU C 134 -47.36 -2.42 -6.10
N SER C 135 -47.87 -3.47 -6.74
CA SER C 135 -48.99 -3.30 -7.64
C SER C 135 -50.25 -2.85 -6.92
N GLN C 136 -50.34 -3.11 -5.62
CA GLN C 136 -51.51 -2.72 -4.85
C GLN C 136 -51.34 -1.38 -4.16
N ASN C 137 -50.20 -0.71 -4.34
CA ASN C 137 -49.94 0.59 -3.72
C ASN C 137 -49.62 1.60 -4.81
N GLN C 138 -50.66 2.28 -5.30
CA GLN C 138 -50.51 3.37 -6.27
C GLN C 138 -49.71 2.96 -7.51
N GLY C 139 -50.06 1.80 -8.06
CA GLY C 139 -49.44 1.32 -9.27
C GLY C 139 -47.96 1.10 -9.16
N GLY C 140 -47.44 0.92 -7.95
CA GLY C 140 -46.03 0.75 -7.76
C GLY C 140 -45.21 2.02 -7.91
N LYS C 141 -45.84 3.19 -7.93
CA LYS C 141 -45.16 4.45 -8.26
C LYS C 141 -44.57 5.17 -7.06
N THR C 142 -44.87 4.72 -5.84
CA THR C 142 -44.32 5.42 -4.65
C THR C 142 -43.39 4.49 -3.84
N PHE C 143 -43.90 3.94 -2.75
CA PHE C 143 -43.04 3.16 -1.87
C PHE C 143 -43.71 1.81 -1.64
N ILE C 144 -43.06 0.96 -0.84
CA ILE C 144 -43.61 -0.39 -0.67
C ILE C 144 -44.92 -0.34 0.12
N VAL C 145 -45.02 0.59 1.08
CA VAL C 145 -46.22 0.79 1.89
C VAL C 145 -46.52 2.28 1.94
N GLY C 146 -47.75 2.63 1.56
CA GLY C 146 -48.16 4.02 1.64
C GLY C 146 -47.36 4.89 0.68
N ASP C 147 -47.38 6.19 0.96
CA ASP C 147 -46.73 7.17 0.11
C ASP C 147 -45.56 7.87 0.79
N GLN C 148 -45.04 7.31 1.87
CA GLN C 148 -43.79 7.78 2.46
C GLN C 148 -42.87 6.59 2.69
N ILE C 149 -41.57 6.85 2.60
CA ILE C 149 -40.60 5.77 2.74
C ILE C 149 -40.65 5.21 4.16
N SER C 150 -40.32 3.92 4.29
CA SER C 150 -40.33 3.20 5.55
C SER C 150 -38.99 2.49 5.72
N PHE C 151 -38.70 2.02 6.94
CA PHE C 151 -37.51 1.20 7.10
C PHE C 151 -37.56 -0.04 6.20
N ALA C 152 -38.76 -0.55 5.89
CA ALA C 152 -38.84 -1.76 5.05
C ALA C 152 -38.40 -1.48 3.62
N ASP C 153 -38.57 -0.24 3.16
CA ASP C 153 -38.05 0.12 1.84
C ASP C 153 -36.55 -0.06 1.77
N TYR C 154 -35.83 0.39 2.81
CA TYR C 154 -34.37 0.27 2.77
C TYR C 154 -33.96 -1.19 2.82
N ASN C 155 -34.67 -1.99 3.62
CA ASN C 155 -34.33 -3.41 3.69
C ASN C 155 -34.65 -4.12 2.39
N LEU C 156 -35.84 -3.87 1.83
CA LEU C 156 -36.20 -4.46 0.54
C LEU C 156 -35.23 -4.02 -0.56
N LEU C 157 -34.88 -2.74 -0.60
CA LEU C 157 -33.92 -2.27 -1.61
C LEU C 157 -32.60 -3.01 -1.51
N ASP C 158 -32.10 -3.23 -0.30
CA ASP C 158 -30.82 -3.94 -0.18
C ASP C 158 -30.98 -5.38 -0.66
N LEU C 159 -32.08 -6.01 -0.28
CA LEU C 159 -32.34 -7.39 -0.74
C LEU C 159 -32.34 -7.42 -2.27
N LEU C 160 -33.01 -6.49 -2.92
CA LEU C 160 -33.05 -6.46 -4.39
C LEU C 160 -31.66 -6.22 -4.97
N LEU C 161 -30.87 -5.36 -4.36
CA LEU C 161 -29.54 -5.08 -4.90
C LEU C 161 -28.63 -6.30 -4.81
N ILE C 162 -28.58 -6.94 -3.64
CA ILE C 162 -27.72 -8.11 -3.54
C ILE C 162 -28.23 -9.23 -4.43
N HIS C 163 -29.53 -9.27 -4.72
CA HIS C 163 -30.02 -10.30 -5.64
C HIS C 163 -29.72 -9.96 -7.10
N GLU C 164 -29.61 -8.68 -7.43
CA GLU C 164 -29.16 -8.32 -8.78
C GLU C 164 -27.70 -8.72 -9.01
N VAL C 165 -26.88 -8.70 -7.96
CA VAL C 165 -25.50 -9.15 -8.09
C VAL C 165 -25.46 -10.67 -8.23
N LEU C 166 -26.29 -11.36 -7.44
CA LEU C 166 -26.30 -12.81 -7.46
C LEU C 166 -26.82 -13.34 -8.80
N ALA C 167 -27.86 -12.71 -9.32
CA ALA C 167 -28.53 -13.18 -10.55
C ALA C 167 -28.93 -11.97 -11.37
N PRO C 168 -28.00 -11.42 -12.15
CA PRO C 168 -28.29 -10.23 -12.93
C PRO C 168 -29.49 -10.44 -13.84
N GLY C 169 -30.30 -9.39 -13.98
CA GLY C 169 -31.52 -9.46 -14.74
C GLY C 169 -32.70 -10.08 -14.03
N CYS C 170 -32.55 -10.45 -12.74
CA CYS C 170 -33.66 -11.12 -12.07
C CYS C 170 -34.85 -10.18 -11.87
N LEU C 171 -34.66 -8.87 -11.99
CA LEU C 171 -35.77 -7.95 -11.90
C LEU C 171 -36.39 -7.64 -13.26
N ASP C 172 -35.84 -8.18 -14.35
CA ASP C 172 -36.44 -7.97 -15.67
C ASP C 172 -37.89 -8.43 -15.71
N ALA C 173 -38.21 -9.48 -14.97
CA ALA C 173 -39.56 -10.05 -14.95
C ALA C 173 -40.51 -9.29 -14.03
N PHE C 174 -40.04 -8.21 -13.40
CA PHE C 174 -40.80 -7.51 -12.36
C PHE C 174 -40.67 -6.01 -12.63
N PRO C 175 -41.52 -5.48 -13.52
CA PRO C 175 -41.40 -4.05 -13.86
C PRO C 175 -41.49 -3.10 -12.68
N LEU C 176 -42.40 -3.35 -11.73
CA LEU C 176 -42.54 -2.41 -10.62
C LEU C 176 -41.33 -2.44 -9.70
N LEU C 177 -40.82 -3.65 -9.39
CA LEU C 177 -39.61 -3.74 -8.56
C LEU C 177 -38.42 -3.11 -9.26
N SER C 178 -38.27 -3.19 -10.53
CA SER C 178 -37.19 -2.61 -11.31
C SER C 178 -37.19 -1.10 -11.19
N ALA C 179 -38.41 -0.52 -11.57
CA ALA C 179 -38.57 0.92 -11.49
C ALA C 179 -38.41 1.39 -10.04
N TYR C 180 -38.86 0.58 -9.08
CA TYR C 180 -38.71 0.93 -7.68
C TYR C 180 -37.25 1.05 -7.29
N VAL C 181 -36.43 0.09 -7.70
CA VAL C 181 -35.01 0.09 -7.37
C VAL C 181 -34.32 1.32 -7.97
N GLY C 182 -34.60 1.60 -9.25
CA GLY C 182 -33.99 2.77 -9.87
C GLY C 182 -34.44 4.06 -9.23
N ARG C 183 -35.71 4.15 -8.86
CA ARG C 183 -36.25 5.34 -8.21
C ARG C 183 -35.57 5.58 -6.86
N LEU C 184 -35.57 4.55 -6.00
CA LEU C 184 -35.00 4.73 -4.67
C LEU C 184 -33.50 4.94 -4.74
N SER C 185 -32.80 4.19 -5.60
CA SER C 185 -31.36 4.35 -5.76
C SER C 185 -30.98 5.71 -6.33
N ALA C 186 -31.95 6.45 -6.88
CA ALA C 186 -31.69 7.77 -7.42
C ALA C 186 -31.85 8.88 -6.39
N ARG C 187 -32.43 8.61 -5.22
CA ARG C 187 -32.54 9.62 -4.18
C ARG C 187 -31.13 10.17 -3.87
N PRO C 188 -30.92 11.48 -3.98
CA PRO C 188 -29.54 11.99 -4.05
C PRO C 188 -28.64 11.60 -2.88
N LYS C 189 -29.13 11.65 -1.65
CA LYS C 189 -28.30 11.26 -0.53
C LYS C 189 -28.00 9.77 -0.56
N LEU C 190 -28.96 8.97 -1.00
CA LEU C 190 -28.73 7.53 -1.10
C LEU C 190 -27.84 7.20 -2.28
N LYS C 191 -28.02 7.91 -3.40
CA LYS C 191 -27.18 7.66 -4.57
C LYS C 191 -25.71 7.94 -4.27
N ALA C 192 -25.43 9.05 -3.60
CA ALA C 192 -24.05 9.37 -3.23
C ALA C 192 -23.46 8.32 -2.29
N PHE C 193 -24.26 7.82 -1.35
CA PHE C 193 -23.78 6.79 -0.44
C PHE C 193 -23.46 5.49 -1.18
N LEU C 194 -24.37 5.06 -2.07
CA LEU C 194 -24.17 3.81 -2.81
C LEU C 194 -22.99 3.88 -3.76
N ALA C 195 -22.56 5.07 -4.15
CA ALA C 195 -21.39 5.23 -5.00
C ALA C 195 -20.10 5.44 -4.21
N SER C 196 -20.20 5.63 -2.89
CA SER C 196 -19.04 6.03 -2.09
C SER C 196 -18.16 4.83 -1.75
N PRO C 197 -16.78 4.94 -1.47
CA PRO C 197 -15.60 3.86 -0.98
C PRO C 197 -16.24 3.08 0.17
N GLU C 198 -16.95 3.78 1.06
CA GLU C 198 -17.46 3.14 2.32
C GLU C 198 -18.49 2.03 2.06
N TYR C 199 -19.22 2.11 0.96
CA TYR C 199 -20.15 1.06 0.54
C TYR C 199 -19.49 0.17 -0.53
N VAL C 200 -18.97 0.81 -1.58
CA VAL C 200 -18.48 0.07 -2.73
C VAL C 200 -17.33 -0.85 -2.36
N ASN C 201 -16.45 -0.41 -1.45
CA ASN C 201 -15.26 -1.18 -1.14
C ASN C 201 -15.45 -2.17 0.01
N LEU C 202 -16.69 -2.39 0.46
CA LEU C 202 -16.97 -3.50 1.35
C LEU C 202 -17.55 -4.66 0.55
N PRO C 203 -17.17 -5.90 0.83
CA PRO C 203 -17.84 -7.03 0.21
C PRO C 203 -19.27 -7.14 0.72
N ILE C 204 -20.12 -7.78 -0.08
CA ILE C 204 -21.50 -7.97 0.39
C ILE C 204 -21.53 -8.88 1.59
N ASN C 205 -20.74 -9.94 1.56
CA ASN C 205 -20.73 -11.00 2.56
C ASN C 205 -19.32 -11.21 3.09
N GLY C 206 -19.23 -11.95 4.19
CA GLY C 206 -17.94 -12.13 4.85
C GLY C 206 -17.03 -13.14 4.18
N ASN C 207 -17.56 -13.96 3.27
CA ASN C 207 -16.78 -14.99 2.60
C ASN C 207 -16.42 -14.63 1.17
N GLY C 208 -16.69 -13.39 0.74
CA GLY C 208 -16.39 -12.95 -0.60
C GLY C 208 -17.34 -13.43 -1.67
N LYS C 209 -18.24 -14.37 -1.37
CA LYS C 209 -19.16 -14.83 -2.39
C LYS C 209 -20.34 -13.87 -2.50
N GLN C 210 -20.90 -13.81 -3.71
CA GLN C 210 -22.01 -12.91 -3.99
C GLN C 210 -22.74 -13.36 -5.25
N PRO D 2 21.02 -9.65 15.96
CA PRO D 2 21.28 -9.60 17.40
C PRO D 2 20.04 -9.71 18.28
N PRO D 3 18.88 -9.52 18.03
CA PRO D 3 17.83 -9.97 18.91
C PRO D 3 17.74 -11.51 18.82
N TYR D 4 18.06 -12.09 17.65
CA TYR D 4 17.94 -13.52 17.46
C TYR D 4 19.31 -14.17 17.28
N THR D 5 19.43 -15.38 17.77
CA THR D 5 20.63 -16.20 17.57
C THR D 5 20.21 -17.58 17.06
N VAL D 6 20.85 -18.03 16.00
CA VAL D 6 20.65 -19.36 15.42
C VAL D 6 21.88 -20.19 15.74
N VAL D 7 21.69 -21.25 16.51
CA VAL D 7 22.79 -22.18 16.87
C VAL D 7 22.61 -23.47 16.06
N TYR D 8 23.49 -23.71 15.11
CA TYR D 8 23.28 -24.87 14.25
C TYR D 8 24.62 -25.26 13.65
N PHE D 9 24.65 -26.43 13.02
CA PHE D 9 25.74 -26.94 12.21
C PHE D 9 25.88 -26.10 10.94
N PRO D 10 27.06 -26.13 10.30
CA PRO D 10 27.22 -25.37 9.04
C PRO D 10 26.57 -26.09 7.85
N VAL D 11 25.23 -26.19 7.91
CA VAL D 11 24.42 -26.74 6.84
C VAL D 11 23.14 -25.92 6.74
N ARG D 12 22.47 -26.02 5.59
CA ARG D 12 21.18 -25.37 5.42
C ARG D 12 20.17 -26.13 6.27
N GLY D 13 19.88 -27.37 5.88
CA GLY D 13 19.19 -28.32 6.74
C GLY D 13 17.88 -27.77 7.27
N ARG D 14 17.68 -27.95 8.56
CA ARG D 14 16.41 -27.53 9.20
C ARG D 14 16.42 -26.05 9.57
N CYS D 15 17.46 -25.32 9.17
CA CYS D 15 17.46 -23.89 9.49
C CYS D 15 17.27 -23.04 8.24
N ALA D 16 17.18 -23.66 7.07
CA ALA D 16 17.08 -22.87 5.84
C ALA D 16 15.79 -22.05 5.83
N ALA D 17 14.67 -22.68 6.18
CA ALA D 17 13.41 -21.95 6.12
C ALA D 17 13.37 -20.81 7.12
N LEU D 18 13.82 -21.04 8.36
CA LEU D 18 13.70 -19.94 9.32
C LEU D 18 14.66 -18.80 8.98
N ARG D 19 15.79 -19.10 8.35
CA ARG D 19 16.69 -18.03 7.91
C ARG D 19 16.08 -17.26 6.74
N MET D 20 15.47 -17.97 5.78
N MET D 20 15.45 -17.96 5.79
CA MET D 20 14.75 -17.30 4.70
CA MET D 20 14.76 -17.26 4.71
C MET D 20 13.68 -16.37 5.26
C MET D 20 13.67 -16.36 5.25
N LEU D 21 12.94 -16.85 6.26
CA LEU D 21 11.94 -16.02 6.92
C LEU D 21 12.58 -14.76 7.50
N LEU D 22 13.64 -14.93 8.30
CA LEU D 22 14.25 -13.77 8.93
C LEU D 22 14.79 -12.79 7.89
N ALA D 23 15.44 -13.31 6.85
CA ALA D 23 16.01 -12.44 5.84
C ALA D 23 14.92 -11.69 5.07
N ASP D 24 13.85 -12.39 4.67
CA ASP D 24 12.81 -11.74 3.88
C ASP D 24 12.00 -10.74 4.70
N GLN D 25 11.93 -10.94 6.01
CA GLN D 25 11.21 -10.02 6.88
C GLN D 25 12.14 -8.94 7.42
N GLY D 26 13.34 -8.83 6.87
CA GLY D 26 14.29 -7.83 7.31
C GLY D 26 14.56 -7.91 8.79
N GLN D 27 14.75 -9.10 9.32
CA GLN D 27 15.09 -9.17 10.76
C GLN D 27 16.59 -9.39 10.88
N SER D 28 17.08 -9.12 12.02
CA SER D 28 18.52 -9.25 12.18
C SER D 28 18.81 -10.51 13.00
N TRP D 29 19.83 -11.25 12.73
CA TRP D 29 20.13 -12.43 13.55
C TRP D 29 21.61 -12.74 13.55
N LYS D 30 22.04 -13.43 14.59
CA LYS D 30 23.39 -13.93 14.74
C LYS D 30 23.43 -15.42 14.44
N GLU D 31 24.43 -15.86 13.69
CA GLU D 31 24.68 -17.27 13.44
C GLU D 31 25.81 -17.76 14.32
N GLU D 32 25.54 -18.78 15.13
CA GLU D 32 26.56 -19.45 15.91
C GLU D 32 26.75 -20.85 15.34
N VAL D 33 27.84 -21.05 14.61
CA VAL D 33 28.10 -22.32 13.92
C VAL D 33 28.75 -23.31 14.87
N VAL D 34 28.17 -24.50 14.93
CA VAL D 34 28.70 -25.61 15.73
C VAL D 34 29.39 -26.58 14.77
N THR D 35 30.69 -26.68 14.95
CA THR D 35 31.42 -27.66 14.15
C THR D 35 31.10 -29.07 14.69
N VAL D 36 31.34 -29.80 14.04
CA VAL D 36 31.08 -31.23 14.35
C VAL D 36 32.10 -31.71 15.39
N GLU D 37 32.88 -31.31 15.41
CA GLU D 37 33.98 -31.31 16.39
C GLU D 37 33.47 -30.72 17.70
N THR D 38 33.21 -29.64 17.75
CA THR D 38 32.63 -29.11 18.97
C THR D 38 31.43 -29.92 19.42
N TRP D 39 30.64 -30.45 18.47
CA TRP D 39 29.48 -31.25 18.84
C TRP D 39 29.89 -32.55 19.51
N GLN D 40 30.86 -33.25 18.94
CA GLN D 40 31.29 -34.53 19.50
C GLN D 40 32.06 -34.38 20.81
N GLU D 41 32.38 -33.15 21.21
CA GLU D 41 32.92 -32.95 22.56
C GLU D 41 31.88 -33.30 23.63
N GLY D 42 30.61 -32.98 23.38
CA GLY D 42 29.51 -33.47 24.18
C GLY D 42 28.83 -32.46 25.09
N SER D 43 29.47 -31.33 25.38
CA SER D 43 28.93 -30.40 26.37
C SER D 43 27.71 -29.66 25.85
N LEU D 44 27.78 -29.18 24.61
CA LEU D 44 26.64 -28.46 24.03
C LEU D 44 25.44 -29.38 23.90
N LYS D 45 25.66 -30.58 23.34
CA LYS D 45 24.59 -31.55 23.16
C LYS D 45 23.87 -31.83 24.47
N ALA D 46 24.62 -32.11 25.53
CA ALA D 46 23.99 -32.44 26.81
C ALA D 46 23.17 -31.28 27.36
N SER D 47 23.46 -30.05 26.96
CA SER D 47 22.71 -28.89 27.41
C SER D 47 21.46 -28.64 26.58
N CYS D 48 21.35 -29.24 25.40
CA CYS D 48 20.20 -29.06 24.51
C CYS D 48 19.03 -29.89 25.05
N LEU D 49 17.81 -29.33 25.00
CA LEU D 49 16.66 -29.98 25.61
C LEU D 49 16.44 -31.40 25.08
N TYR D 50 16.46 -31.57 23.76
CA TYR D 50 16.34 -32.88 23.15
C TYR D 50 17.67 -33.38 22.59
N GLY D 51 18.79 -32.82 23.06
CA GLY D 51 20.08 -33.25 22.57
C GLY D 51 20.38 -32.94 21.12
N GLN D 52 19.68 -31.96 20.53
CA GLN D 52 19.82 -31.68 19.11
C GLN D 52 19.82 -30.19 18.82
N LEU D 53 20.24 -29.86 17.61
CA LEU D 53 20.20 -28.47 17.11
C LEU D 53 19.19 -28.45 15.95
N PRO D 54 18.59 -27.30 15.58
CA PRO D 54 18.95 -26.00 16.11
C PRO D 54 18.43 -25.61 17.49
N LYS D 55 19.19 -24.73 18.10
CA LYS D 55 18.85 -23.97 19.31
C LYS D 55 18.65 -22.53 18.83
N PHE D 56 17.73 -21.83 19.43
CA PHE D 56 17.35 -20.49 18.99
C PHE D 56 17.15 -19.58 20.18
N GLN D 57 17.72 -18.38 20.11
CA GLN D 57 17.53 -17.36 21.16
C GLN D 57 16.72 -16.18 20.64
N ASP D 58 15.68 -15.82 21.35
CA ASP D 58 14.88 -14.59 21.08
C ASP D 58 14.97 -13.79 22.37
N GLY D 59 15.90 -12.84 22.40
CA GLY D 59 16.14 -12.14 23.65
C GLY D 59 16.51 -13.13 24.74
N ASP D 60 15.68 -13.21 25.78
CA ASP D 60 15.90 -14.11 26.90
C ASP D 60 15.18 -15.43 26.76
N LEU D 61 14.54 -15.69 25.61
CA LEU D 61 13.81 -16.92 25.38
C LEU D 61 14.69 -17.86 24.57
N THR D 62 14.90 -19.07 25.09
CA THR D 62 15.66 -20.12 24.41
C THR D 62 14.67 -21.16 23.91
N LEU D 63 14.77 -21.48 22.62
CA LEU D 63 13.88 -22.49 22.01
C LEU D 63 14.72 -23.56 21.30
N TYR D 64 14.16 -24.76 21.27
CA TYR D 64 14.62 -25.88 20.43
C TYR D 64 13.41 -26.26 19.54
N GLN D 65 13.68 -27.07 18.53
CA GLN D 65 12.72 -27.60 17.51
C GLN D 65 12.53 -26.59 16.38
N SER D 66 12.99 -26.97 15.20
CA SER D 66 12.92 -26.09 14.01
C SER D 66 11.49 -25.58 13.78
N ASN D 67 10.49 -26.44 13.94
CA ASN D 67 9.14 -25.96 13.69
C ASN D 67 8.60 -25.13 14.82
N THR D 68 9.13 -25.30 16.03
CA THR D 68 8.79 -24.37 17.10
C THR D 68 9.34 -22.99 16.80
N ILE D 69 10.56 -22.93 16.28
CA ILE D 69 11.15 -21.63 15.94
C ILE D 69 10.34 -20.97 14.85
N LEU D 70 9.92 -21.71 13.86
CA LEU D 70 9.13 -21.14 12.76
C LEU D 70 7.79 -20.63 13.29
N ARG D 71 7.12 -21.40 14.12
CA ARG D 71 5.82 -20.94 14.65
C ARG D 71 6.00 -19.71 15.54
N HIS D 72 7.09 -19.65 16.28
CA HIS D 72 7.32 -18.51 17.18
C HIS D 72 7.57 -17.27 16.34
N LEU D 73 8.41 -17.38 15.33
CA LEU D 73 8.61 -16.23 14.45
C LEU D 73 7.31 -15.86 13.75
N GLY D 74 6.54 -16.88 13.31
CA GLY D 74 5.26 -16.59 12.69
C GLY D 74 4.33 -15.86 13.62
N ARG D 75 4.28 -16.30 14.88
CA ARG D 75 3.38 -15.69 15.86
C ARG D 75 3.83 -14.28 16.18
N THR D 76 5.12 -14.08 16.40
CA THR D 76 5.65 -12.82 16.89
C THR D 76 5.97 -11.82 15.80
N LEU D 77 5.86 -12.19 14.53
CA LEU D 77 6.06 -11.26 13.42
C LEU D 77 4.83 -11.10 12.53
N GLY D 78 3.72 -11.74 12.86
CA GLY D 78 2.53 -11.62 12.05
C GLY D 78 2.60 -12.38 10.75
N LEU D 79 3.09 -13.62 10.80
CA LEU D 79 3.18 -14.49 9.61
C LEU D 79 2.45 -15.80 9.95
N TYR D 80 1.29 -15.67 10.56
CA TYR D 80 0.53 -16.85 11.02
C TYR D 80 -0.93 -16.71 10.60
N GLY D 81 -1.17 -16.05 9.48
CA GLY D 81 -2.55 -15.88 9.02
C GLY D 81 -3.25 -14.70 9.65
N LYS D 82 -4.42 -14.38 9.15
CA LYS D 82 -5.15 -13.23 9.66
C LYS D 82 -6.29 -13.61 10.60
N ASP D 83 -6.61 -14.89 10.76
CA ASP D 83 -7.62 -15.31 11.70
C ASP D 83 -7.35 -16.75 12.11
N GLN D 84 -8.18 -17.28 13.01
CA GLN D 84 -7.96 -18.63 13.51
C GLN D 84 -8.04 -19.65 12.39
N GLN D 85 -8.95 -19.44 11.44
CA GLN D 85 -9.10 -20.39 10.34
C GLN D 85 -7.83 -20.42 9.50
N GLU D 86 -7.29 -19.24 9.16
CA GLU D 86 -6.05 -19.21 8.40
C GLU D 86 -4.89 -19.80 9.20
N ALA D 87 -4.86 -19.57 10.52
CA ALA D 87 -3.78 -20.12 11.34
C ALA D 87 -3.81 -21.64 11.30
N ALA D 88 -5.00 -22.23 11.33
CA ALA D 88 -5.10 -23.68 11.23
C ALA D 88 -4.65 -24.17 9.86
N LEU D 89 -5.02 -23.46 8.79
CA LEU D 89 -4.58 -23.87 7.47
C LEU D 89 -3.07 -23.74 7.32
N VAL D 90 -2.47 -22.72 7.91
CA VAL D 90 -1.02 -22.58 7.91
C VAL D 90 -0.37 -23.77 8.62
N ASP D 91 -0.94 -24.19 9.75
CA ASP D 91 -0.42 -25.36 10.45
C ASP D 91 -0.54 -26.61 9.60
N MET D 92 -1.65 -26.76 8.89
CA MET D 92 -1.89 -27.97 8.08
C MET D 92 -0.81 -28.02 7.01
N VAL D 93 -0.52 -26.92 6.37
CA VAL D 93 0.56 -26.91 5.34
C VAL D 93 1.90 -27.25 6.01
N ASN D 94 2.19 -26.61 7.12
CA ASN D 94 3.52 -26.82 7.73
C ASN D 94 3.70 -28.27 8.17
N ASP D 95 2.65 -28.87 8.69
CA ASP D 95 2.75 -30.27 9.10
C ASP D 95 2.95 -31.18 7.89
N GLY D 96 2.29 -30.87 6.77
CA GLY D 96 2.56 -31.59 5.54
C GLY D 96 3.98 -31.43 5.05
N VAL D 97 4.51 -30.21 5.14
CA VAL D 97 5.89 -29.97 4.74
C VAL D 97 6.83 -30.80 5.61
N GLU D 98 6.58 -30.79 6.91
CA GLU D 98 7.41 -31.55 7.84
C GLU D 98 7.35 -33.04 7.53
N ASP D 99 6.19 -33.56 7.18
CA ASP D 99 6.10 -35.01 6.86
C ASP D 99 7.02 -35.33 5.68
N LEU D 100 6.97 -34.54 4.61
CA LEU D 100 7.82 -34.86 3.46
C LEU D 100 9.27 -34.59 3.80
N ARG D 101 9.53 -33.53 4.56
CA ARG D 101 10.92 -33.29 4.98
C ARG D 101 11.41 -34.53 5.77
N CYS D 102 10.67 -35.08 6.54
N CYS D 102 10.68 -35.09 6.53
CA CYS D 102 11.13 -36.26 7.26
CA CYS D 102 11.15 -36.26 7.25
C CYS D 102 11.54 -37.38 6.31
C CYS D 102 11.55 -37.38 6.30
N LYS D 103 10.76 -37.60 5.25
CA LYS D 103 11.09 -38.64 4.28
C LYS D 103 12.32 -38.27 3.48
N TYR D 104 12.45 -36.99 3.10
CA TYR D 104 13.64 -36.49 2.44
C TYR D 104 14.88 -36.75 3.29
N ILE D 105 14.81 -36.39 4.58
CA ILE D 105 15.95 -36.59 5.47
C ILE D 105 16.31 -38.07 5.58
N SER D 106 15.30 -38.94 5.68
CA SER D 106 15.59 -40.38 5.77
C SER D 106 16.32 -40.87 4.52
N LEU D 107 15.87 -40.42 3.34
CA LEU D 107 16.54 -40.77 2.09
C LEU D 107 17.99 -40.30 2.09
N ILE D 108 18.20 -39.02 2.39
CA ILE D 108 19.54 -38.43 2.30
C ILE D 108 20.52 -39.18 3.20
N TYR D 109 20.11 -39.50 4.42
CA TYR D 109 21.03 -40.00 5.44
C TYR D 109 21.03 -41.52 5.61
N THR D 110 20.06 -42.21 5.05
CA THR D 110 20.06 -43.68 5.27
C THR D 110 20.10 -44.50 3.96
N ASN D 111 19.69 -43.96 2.82
CA ASN D 111 19.67 -44.75 1.56
C ASN D 111 19.56 -43.86 0.32
N TYR D 112 20.45 -42.88 0.20
CA TYR D 112 20.42 -41.96 -0.95
C TYR D 112 20.66 -42.63 -2.30
N GLU D 113 21.76 -43.37 -2.42
CA GLU D 113 22.13 -43.86 -3.74
C GLU D 113 21.14 -44.91 -4.25
N ALA D 114 20.75 -45.85 -3.39
CA ALA D 114 19.83 -46.90 -3.78
C ALA D 114 18.37 -46.49 -3.69
N GLY D 115 18.05 -45.48 -2.89
CA GLY D 115 16.66 -45.11 -2.68
C GLY D 115 16.18 -43.94 -3.52
N LYS D 116 17.09 -43.17 -4.10
CA LYS D 116 16.71 -41.92 -4.76
C LYS D 116 15.71 -42.16 -5.88
N ASP D 117 15.95 -43.17 -6.72
CA ASP D 117 15.09 -43.36 -7.88
C ASP D 117 13.66 -43.65 -7.47
N ASP D 118 13.48 -44.53 -6.48
CA ASP D 118 12.12 -44.82 -6.01
C ASP D 118 11.49 -43.58 -5.35
N TYR D 119 12.26 -42.87 -4.52
CA TYR D 119 11.77 -41.65 -3.89
C TYR D 119 11.28 -40.65 -4.93
N VAL D 120 12.04 -40.47 -6.01
CA VAL D 120 11.67 -39.45 -6.99
C VAL D 120 10.43 -39.87 -7.76
N LYS D 121 10.25 -41.17 -8.00
CA LYS D 121 9.03 -41.60 -8.68
C LYS D 121 7.81 -41.51 -7.78
N ALA D 122 7.99 -41.53 -6.46
CA ALA D 122 6.88 -41.28 -5.54
C ALA D 122 6.64 -39.79 -5.30
N LEU D 123 7.59 -38.95 -5.69
CA LEU D 123 7.47 -37.53 -5.41
C LEU D 123 6.21 -36.87 -5.95
N PRO D 124 5.74 -37.15 -7.17
CA PRO D 124 4.55 -36.42 -7.67
C PRO D 124 3.37 -36.52 -6.73
N GLY D 125 3.09 -37.70 -6.19
CA GLY D 125 1.99 -37.86 -5.26
C GLY D 125 2.18 -37.11 -3.95
N GLN D 126 3.42 -36.78 -3.60
CA GLN D 126 3.74 -36.06 -2.38
C GLN D 126 3.70 -34.54 -2.56
N LEU D 127 3.89 -34.05 -3.79
CA LEU D 127 3.80 -32.63 -4.07
C LEU D 127 2.39 -32.20 -4.44
N LYS D 128 1.60 -33.10 -4.98
CA LYS D 128 0.24 -32.78 -5.41
C LYS D 128 -0.59 -32.13 -4.31
N PRO D 129 -0.51 -32.52 -3.04
CA PRO D 129 -1.30 -31.82 -2.03
C PRO D 129 -1.01 -30.34 -1.99
N PHE D 130 0.24 -29.95 -2.21
CA PHE D 130 0.56 -28.52 -2.14
C PHE D 130 0.07 -27.80 -3.39
N GLU D 131 0.11 -28.46 -4.54
CA GLU D 131 -0.51 -27.92 -5.74
C GLU D 131 -2.01 -27.75 -5.53
N THR D 132 -2.63 -28.73 -4.89
CA THR D 132 -4.08 -28.66 -4.60
C THR D 132 -4.36 -27.46 -3.68
N LEU D 133 -3.55 -27.30 -2.66
CA LEU D 133 -3.73 -26.16 -1.75
C LEU D 133 -3.63 -24.85 -2.53
N LEU D 134 -2.64 -24.67 -3.38
CA LEU D 134 -2.58 -23.41 -4.15
C LEU D 134 -3.83 -23.23 -5.02
N SER D 135 -4.31 -24.30 -5.62
CA SER D 135 -5.47 -24.21 -6.54
C SER D 135 -6.71 -23.73 -5.81
N GLN D 136 -6.79 -23.96 -4.50
CA GLN D 136 -7.97 -23.57 -3.69
C GLN D 136 -7.80 -22.17 -3.11
N ASN D 137 -6.68 -21.51 -3.37
CA ASN D 137 -6.48 -20.15 -2.80
C ASN D 137 -6.28 -19.15 -3.93
N GLN D 138 -7.37 -18.59 -4.42
CA GLN D 138 -7.32 -17.53 -5.42
C GLN D 138 -6.49 -17.96 -6.65
N GLY D 139 -6.77 -19.17 -7.13
CA GLY D 139 -6.11 -19.67 -8.32
C GLY D 139 -4.61 -19.90 -8.18
N GLY D 140 -4.10 -19.98 -6.96
CA GLY D 140 -2.68 -20.18 -6.77
C GLY D 140 -1.83 -18.97 -7.03
N LYS D 141 -2.47 -17.81 -7.07
CA LYS D 141 -1.73 -16.58 -7.49
C LYS D 141 -1.15 -15.81 -6.30
N THR D 142 -1.29 -16.33 -5.09
CA THR D 142 -0.80 -15.54 -3.96
C THR D 142 0.14 -16.37 -3.08
N PHE D 143 -0.26 -16.65 -1.86
CA PHE D 143 0.55 -17.46 -0.93
C PHE D 143 -0.14 -18.81 -0.71
N ILE D 144 0.47 -19.66 0.09
CA ILE D 144 -0.17 -20.99 0.29
C ILE D 144 -1.49 -20.85 1.07
N VAL D 145 -1.58 -19.89 1.98
CA VAL D 145 -2.81 -19.66 2.73
C VAL D 145 -3.11 -18.17 2.79
N GLY D 146 -4.33 -17.79 2.41
CA GLY D 146 -4.72 -16.40 2.53
C GLY D 146 -3.96 -15.47 1.58
N ASP D 147 -3.97 -14.18 1.93
CA ASP D 147 -3.44 -13.13 1.08
C ASP D 147 -2.07 -12.62 1.51
N GLN D 148 -1.50 -13.14 2.59
CA GLN D 148 -0.20 -12.68 3.03
C GLN D 148 0.68 -13.87 3.39
N ILE D 149 1.98 -13.62 3.34
CA ILE D 149 2.94 -14.69 3.52
C ILE D 149 2.89 -15.17 4.96
N SER D 150 3.18 -16.45 5.14
CA SER D 150 3.16 -17.10 6.44
C SER D 150 4.46 -17.90 6.61
N PHE D 151 4.75 -18.29 7.85
CA PHE D 151 5.93 -19.13 8.05
C PHE D 151 5.87 -20.41 7.23
N ALA D 152 4.65 -20.90 6.92
CA ALA D 152 4.56 -22.13 6.13
C ALA D 152 5.01 -21.92 4.69
N ASP D 153 4.81 -20.71 4.15
CA ASP D 153 5.34 -20.41 2.82
C ASP D 153 6.85 -20.60 2.79
N TYR D 154 7.55 -20.14 3.83
CA TYR D 154 9.00 -20.25 3.81
C TYR D 154 9.45 -21.69 3.92
N ASN D 155 8.75 -22.48 4.74
CA ASN D 155 9.11 -23.89 4.88
C ASN D 155 8.78 -24.66 3.61
N LEU D 156 7.60 -24.42 3.03
CA LEU D 156 7.25 -25.04 1.76
C LEU D 156 8.24 -24.65 0.68
N LEU D 157 8.56 -23.36 0.59
CA LEU D 157 9.53 -22.91 -0.41
C LEU D 157 10.86 -23.63 -0.26
N ASP D 158 11.38 -23.78 0.96
CA ASP D 158 12.68 -24.48 1.13
C ASP D 158 12.49 -25.93 0.71
N LEU D 159 11.37 -26.53 1.10
CA LEU D 159 11.13 -27.95 0.70
C LEU D 159 11.15 -28.07 -0.83
N LEU D 160 10.50 -27.16 -1.52
CA LEU D 160 10.43 -27.25 -3.00
C LEU D 160 11.82 -27.04 -3.60
N LEU D 161 12.58 -26.10 -3.06
CA LEU D 161 13.90 -25.82 -3.62
C LEU D 161 14.82 -27.02 -3.48
N ILE D 162 14.83 -27.64 -2.29
CA ILE D 162 15.71 -28.79 -2.13
C ILE D 162 15.26 -29.96 -2.97
N HIS D 163 13.95 -30.06 -3.26
CA HIS D 163 13.50 -31.12 -4.14
C HIS D 163 13.81 -30.84 -5.60
N GLU D 164 13.87 -29.56 -5.98
CA GLU D 164 14.35 -29.23 -7.31
C GLU D 164 15.81 -29.61 -7.48
N VAL D 165 16.60 -29.53 -6.41
CA VAL D 165 17.98 -29.96 -6.50
C VAL D 165 18.05 -31.47 -6.60
N LEU D 166 17.20 -32.17 -5.83
CA LEU D 166 17.25 -33.64 -5.83
C LEU D 166 16.75 -34.21 -7.15
N ALA D 167 15.74 -33.57 -7.73
CA ALA D 167 15.05 -34.08 -8.92
C ALA D 167 14.71 -32.88 -9.78
N PRO D 168 15.66 -32.36 -10.55
CA PRO D 168 15.38 -31.18 -11.37
C PRO D 168 14.17 -31.41 -12.26
N GLY D 169 13.36 -30.36 -12.42
CA GLY D 169 12.14 -30.43 -13.18
C GLY D 169 10.98 -31.11 -12.49
N CYS D 170 11.11 -31.49 -11.22
CA CYS D 170 10.01 -32.15 -10.52
C CYS D 170 8.75 -31.29 -10.44
N LEU D 171 8.89 -29.98 -10.56
CA LEU D 171 7.73 -29.09 -10.55
C LEU D 171 7.19 -28.79 -11.93
N ASP D 172 7.80 -29.32 -12.99
CA ASP D 172 7.28 -29.07 -14.33
C ASP D 172 5.86 -29.59 -14.47
N ALA D 173 5.53 -30.67 -13.76
CA ALA D 173 4.19 -31.22 -13.78
C ALA D 173 3.21 -30.44 -12.91
N PHE D 174 3.68 -29.44 -12.17
CA PHE D 174 2.87 -28.71 -11.18
C PHE D 174 2.97 -27.22 -11.44
N PRO D 175 2.15 -26.70 -12.35
CA PRO D 175 2.29 -25.29 -12.76
C PRO D 175 2.09 -24.29 -11.64
N LEU D 176 1.19 -24.55 -10.69
CA LEU D 176 1.00 -23.59 -9.62
C LEU D 176 2.22 -23.55 -8.70
N LEU D 177 2.76 -24.72 -8.34
CA LEU D 177 3.95 -24.75 -7.49
C LEU D 177 5.14 -24.13 -8.20
N SER D 178 5.24 -24.35 -9.52
N SER D 178 5.25 -24.34 -9.51
CA SER D 178 6.34 -23.77 -10.27
CA SER D 178 6.37 -23.75 -10.25
C SER D 178 6.30 -22.25 -10.23
C SER D 178 6.30 -22.23 -10.23
N ALA D 179 5.12 -21.67 -10.49
CA ALA D 179 4.96 -20.22 -10.48
C ALA D 179 5.10 -19.66 -9.08
N TYR D 180 4.65 -20.43 -8.09
CA TYR D 180 4.78 -20.03 -6.70
C TYR D 180 6.25 -19.91 -6.31
N VAL D 181 7.07 -20.90 -6.65
CA VAL D 181 8.51 -20.81 -6.38
C VAL D 181 9.10 -19.57 -7.04
N GLY D 182 8.75 -19.33 -8.31
CA GLY D 182 9.32 -18.18 -8.99
C GLY D 182 8.92 -16.87 -8.35
N ARG D 183 7.66 -16.78 -7.94
CA ARG D 183 7.12 -15.57 -7.33
C ARG D 183 7.80 -15.29 -5.99
N LEU D 184 7.87 -16.29 -5.11
CA LEU D 184 8.49 -16.06 -3.82
C LEU D 184 9.99 -15.80 -3.98
N SER D 185 10.65 -16.55 -4.86
CA SER D 185 12.09 -16.37 -5.05
C SER D 185 12.43 -15.01 -5.64
N ALA D 186 11.47 -14.31 -6.22
CA ALA D 186 11.69 -12.98 -6.77
C ALA D 186 11.50 -11.86 -5.75
N ARG D 187 11.12 -12.20 -4.52
CA ARG D 187 11.00 -11.16 -3.48
C ARG D 187 12.41 -10.62 -3.27
N PRO D 188 12.66 -9.31 -3.39
CA PRO D 188 14.02 -8.80 -3.36
C PRO D 188 14.92 -9.23 -2.19
N LYS D 189 14.43 -9.14 -0.96
CA LYS D 189 15.28 -9.54 0.18
C LYS D 189 15.53 -11.04 0.14
N LEU D 190 14.49 -11.83 -0.11
CA LEU D 190 14.71 -13.27 -0.19
C LEU D 190 15.65 -13.62 -1.34
N LYS D 191 15.49 -12.96 -2.49
CA LYS D 191 16.37 -13.23 -3.65
C LYS D 191 17.83 -12.90 -3.27
N ALA D 192 18.05 -11.78 -2.60
CA ALA D 192 19.41 -11.45 -2.19
C ALA D 192 19.97 -12.51 -1.27
N PHE D 193 19.16 -12.96 -0.30
CA PHE D 193 19.64 -13.96 0.64
C PHE D 193 20.00 -15.27 -0.07
N LEU D 194 19.11 -15.73 -0.96
CA LEU D 194 19.32 -16.99 -1.67
C LEU D 194 20.55 -16.95 -2.57
N ALA D 195 21.02 -15.77 -2.93
CA ALA D 195 22.22 -15.66 -3.74
C ALA D 195 23.47 -15.38 -2.92
N SER D 196 23.33 -15.14 -1.61
CA SER D 196 24.41 -14.72 -0.74
C SER D 196 25.30 -15.91 -0.35
N PRO D 197 26.58 -15.66 -0.04
CA PRO D 197 27.47 -16.79 0.30
C PRO D 197 27.02 -17.54 1.54
N GLU D 198 26.36 -16.88 2.49
CA GLU D 198 25.97 -17.59 3.71
C GLU D 198 24.92 -18.65 3.45
N TYR D 199 24.20 -18.56 2.33
CA TYR D 199 23.30 -19.60 1.87
C TYR D 199 23.95 -20.49 0.81
N VAL D 200 24.51 -19.89 -0.24
CA VAL D 200 25.01 -20.65 -1.38
C VAL D 200 26.15 -21.57 -0.98
N ASN D 201 27.02 -21.12 -0.07
CA ASN D 201 28.22 -21.89 0.25
C ASN D 201 28.03 -22.88 1.39
N LEU D 202 26.79 -23.08 1.87
CA LEU D 202 26.54 -24.19 2.77
C LEU D 202 25.95 -25.36 1.99
N PRO D 203 26.31 -26.58 2.36
CA PRO D 203 25.63 -27.73 1.76
C PRO D 203 24.21 -27.81 2.31
N ILE D 204 23.33 -28.39 1.50
CA ILE D 204 21.96 -28.58 1.95
C ILE D 204 21.94 -29.50 3.16
N ASN D 205 22.71 -30.57 3.13
CA ASN D 205 22.70 -31.59 4.17
C ASN D 205 24.10 -31.77 4.75
N GLY D 206 24.15 -32.48 5.87
CA GLY D 206 25.41 -32.67 6.57
C GLY D 206 26.38 -33.59 5.84
N ASN D 207 25.87 -34.54 5.06
CA ASN D 207 26.71 -35.50 4.35
C ASN D 207 27.02 -35.08 2.92
N GLY D 208 26.66 -33.85 2.53
CA GLY D 208 26.96 -33.35 1.22
C GLY D 208 26.08 -33.86 0.09
N LYS D 209 25.24 -34.86 0.35
CA LYS D 209 24.34 -35.37 -0.68
C LYS D 209 23.14 -34.45 -0.84
N GLN D 210 22.64 -34.37 -2.07
CA GLN D 210 21.57 -33.44 -2.40
C GLN D 210 20.91 -33.88 -3.68
#